data_3O4O
#
_entry.id   3O4O
#
_cell.length_a   44.830
_cell.length_b   177.470
_cell.length_c   180.660
_cell.angle_alpha   90.00
_cell.angle_beta   90.00
_cell.angle_gamma   90.00
#
_symmetry.space_group_name_H-M   'P 21 21 21'
#
loop_
_entity.id
_entity.type
_entity.pdbx_description
1 polymer 'Interleukin-1 beta'
2 polymer 'Interleukin-1 receptor type 2'
3 polymer 'Interleukin-1 receptor accessory protein'
4 branched 2-acetamido-2-deoxy-beta-D-glucopyranose-(1-4)-2-acetamido-2-deoxy-beta-D-glucopyranose
5 non-polymer 2-acetamido-2-deoxy-beta-D-glucopyranose
#
loop_
_entity_poly.entity_id
_entity_poly.type
_entity_poly.pdbx_seq_one_letter_code
_entity_poly.pdbx_strand_id
1 'polypeptide(L)'
;GPLGSAPVRSLNCTLRDSQQKSLVMSGPYELKALHLQGQDMEQQVVFSMSFVQGEESNDKIPVALGLKEKNLYLSCVLKD
DKPTLQLESVDPKNYPKKKMEKRFVFNKIEINNKLEFESAQFPNWYISTSQAENMPVFLGGTKGGQDITDFTMQFVSS
;
A
2 'polypeptide(L)'
;ADPFTLQPAAHTGAARSCRFRGRHYKREFRLEGEPVALRCPQVPYWLWASVSPRINLTWHKNDSARTVPGEEETRMWAQD
GALWLLPALQEDSGTYVCTTRNASYCDKMSIELRVFENTDAFLPFISYPQILTLSTSGVLVCPDLSEFTRDKTDVKIQWY
KDSLLLDKDNEKFLSVRGTTHLLVHDVALEDAGYYRCVLTFAHEGQQYNITRSIELRIKKKKEETIPVIISPLKTISASL
GSRLTIPCKVFLGTGTPLTTMLWWTANDTHIESAYPGGRVTEGPRQEYSENNENYIEVPLIFDPVTREDLHMDFKCVVHN
TLSFQTLRTTVKEHHHHHH
;
C
3 'polypeptide(L)'
;ADPSERCDDWGLDTMRQIQVFEDEPARIKCPLFEHFLKFNYSTAHSAGLTLIWYWTRQDRDLEEPINFRLPENRISKEKD
VLWFRPTLLNDTGNYTCMLRNTTYCSKVAFPLEVVQKDSCFNSPMKLPVHKLYIEYGIQRITCPNVDGYFPSSVKPTITW
YMGCYKIQNFNNVIPEGMNLSFLIALISNNGNYTCVVTYPENGRTFHLTRTLTVKVVGSPKNAVPPVIHSPNDHVVYEKE
PGEELLIPCTVYFSFLMDSRNEVWWTIDGKKPDDITIDVTINESISHSRTEDETRTQILSIKKVTSEDLKRSYVCHARSA
KGEVAKAAKVKQKHHHHHH
;
B
#
# COMPACT_ATOMS: atom_id res chain seq x y z
N ALA A 6 14.67 24.81 -19.80
CA ALA A 6 13.62 23.83 -19.54
C ALA A 6 12.66 24.33 -18.45
N PRO A 7 11.38 23.92 -18.54
CA PRO A 7 10.35 24.26 -17.56
C PRO A 7 10.34 23.25 -16.42
N VAL A 8 9.74 22.09 -16.68
CA VAL A 8 9.66 21.02 -15.69
C VAL A 8 9.92 19.69 -16.36
N ARG A 9 10.80 18.89 -15.77
CA ARG A 9 11.09 17.57 -16.30
C ARG A 9 9.90 16.65 -16.09
N SER A 10 9.09 16.52 -17.14
CA SER A 10 7.95 15.60 -17.13
C SER A 10 8.34 14.28 -17.77
N LEU A 11 7.40 13.36 -17.83
CA LEU A 11 7.68 12.04 -18.39
C LEU A 11 6.36 11.34 -18.72
N ASN A 12 6.33 10.66 -19.85
CA ASN A 12 5.15 9.91 -20.27
C ASN A 12 5.14 8.52 -19.69
N CYS A 13 3.97 8.06 -19.24
CA CYS A 13 3.83 6.72 -18.68
C CYS A 13 2.37 6.30 -18.68
N THR A 14 2.13 5.02 -18.38
CA THR A 14 0.77 4.50 -18.29
C THR A 14 0.58 3.80 -16.96
N LEU A 15 -0.42 4.23 -16.21
CA LEU A 15 -0.74 3.57 -14.96
C LEU A 15 -1.67 2.40 -15.19
N ARG A 16 -1.61 1.42 -14.31
CA ARG A 16 -2.57 0.33 -14.29
C ARG A 16 -2.69 -0.15 -12.86
N ASP A 17 -3.92 -0.43 -12.42
CA ASP A 17 -4.19 -0.63 -11.00
C ASP A 17 -3.82 -2.02 -10.47
N SER A 18 -4.23 -2.27 -9.23
CA SER A 18 -3.86 -3.47 -8.52
C SER A 18 -4.47 -4.74 -9.12
N GLN A 19 -5.66 -4.61 -9.68
CA GLN A 19 -6.31 -5.76 -10.30
C GLN A 19 -6.12 -5.78 -11.80
N GLN A 20 -4.98 -5.25 -12.25
CA GLN A 20 -4.57 -5.32 -13.65
C GLN A 20 -5.35 -4.43 -14.62
N LYS A 21 -6.42 -3.80 -14.15
CA LYS A 21 -7.22 -2.93 -15.02
C LYS A 21 -6.43 -1.76 -15.64
N SER A 22 -6.66 -1.52 -16.92
CA SER A 22 -6.03 -0.40 -17.64
C SER A 22 -6.78 0.91 -17.40
N LEU A 23 -6.28 1.98 -18.01
CA LEU A 23 -6.78 3.32 -17.71
C LEU A 23 -7.10 4.11 -18.98
N VAL A 24 -8.30 3.92 -19.52
CA VAL A 24 -8.68 4.59 -20.75
C VAL A 24 -9.68 5.74 -20.54
N MET A 25 -9.53 6.78 -21.36
CA MET A 25 -10.39 7.96 -21.30
C MET A 25 -11.70 7.75 -22.04
N SER A 26 -12.73 8.49 -21.65
CA SER A 26 -14.04 8.42 -22.29
C SER A 26 -14.90 9.63 -21.90
N GLY A 27 -14.47 10.83 -22.31
CA GLY A 27 -15.19 12.03 -21.91
C GLY A 27 -15.08 13.22 -22.85
N PRO A 28 -14.09 14.09 -22.61
CA PRO A 28 -13.11 14.00 -21.54
C PRO A 28 -13.67 14.40 -20.18
N TYR A 29 -14.95 14.14 -19.94
CA TYR A 29 -15.56 14.45 -18.66
C TYR A 29 -15.35 13.32 -17.65
N GLU A 30 -14.61 12.28 -18.07
CA GLU A 30 -14.39 11.12 -17.21
C GLU A 30 -13.25 10.22 -17.67
N LEU A 31 -12.77 9.40 -16.73
CA LEU A 31 -11.81 8.34 -17.02
C LEU A 31 -12.41 7.04 -16.54
N LYS A 32 -11.93 5.93 -17.07
CA LYS A 32 -12.45 4.63 -16.68
C LYS A 32 -11.33 3.62 -16.50
N ALA A 33 -11.61 2.58 -15.71
CA ALA A 33 -10.61 1.58 -15.43
C ALA A 33 -11.19 0.19 -15.69
N LEU A 34 -10.83 -0.39 -16.82
CA LEU A 34 -11.40 -1.66 -17.23
C LEU A 34 -10.34 -2.54 -17.90
N HIS A 35 -10.68 -3.81 -18.12
CA HIS A 35 -9.74 -4.75 -18.73
C HIS A 35 -9.72 -4.63 -20.24
N LEU A 36 -8.57 -4.26 -20.78
CA LEU A 36 -8.40 -4.16 -22.22
C LEU A 36 -7.91 -5.46 -22.84
N GLN A 37 -8.66 -5.98 -23.80
CA GLN A 37 -8.27 -7.15 -24.56
C GLN A 37 -6.90 -6.92 -25.18
N GLY A 38 -6.27 -7.97 -25.68
CA GLY A 38 -4.98 -7.84 -26.31
C GLY A 38 -4.99 -6.83 -27.43
N GLN A 39 -5.95 -6.98 -28.34
CA GLN A 39 -6.01 -6.14 -29.53
C GLN A 39 -6.54 -4.72 -29.28
N ASP A 40 -6.67 -4.33 -28.03
CA ASP A 40 -7.21 -3.01 -27.71
C ASP A 40 -6.33 -2.24 -26.74
N MET A 41 -5.14 -2.77 -26.51
CA MET A 41 -4.27 -2.24 -25.47
C MET A 41 -3.90 -0.76 -25.58
N GLU A 42 -3.54 -0.31 -26.78
CA GLU A 42 -3.12 1.09 -26.91
C GLU A 42 -4.31 2.05 -26.95
N GLN A 43 -5.38 1.66 -26.28
CA GLN A 43 -6.49 2.56 -26.03
C GLN A 43 -6.22 3.31 -24.73
N GLN A 44 -5.44 2.69 -23.86
CA GLN A 44 -5.14 3.25 -22.55
C GLN A 44 -4.42 4.59 -22.64
N VAL A 45 -4.93 5.57 -21.90
CA VAL A 45 -4.35 6.90 -21.89
C VAL A 45 -2.90 6.82 -21.48
N VAL A 46 -2.09 7.71 -22.03
CA VAL A 46 -0.71 7.85 -21.59
C VAL A 46 -0.54 9.19 -20.86
N PHE A 47 0.20 9.16 -19.75
CA PHE A 47 0.29 10.33 -18.88
C PHE A 47 1.56 11.13 -19.03
N SER A 48 1.42 12.45 -18.95
CA SER A 48 2.56 13.34 -18.76
C SER A 48 2.68 13.71 -17.30
N MET A 49 3.55 12.99 -16.58
CA MET A 49 3.80 13.28 -15.18
C MET A 49 4.96 14.25 -15.06
N SER A 50 4.76 15.31 -14.29
CA SER A 50 5.80 16.33 -14.12
C SER A 50 5.88 16.78 -12.67
N PHE A 51 7.10 17.01 -12.19
CA PHE A 51 7.33 17.36 -10.80
C PHE A 51 7.12 18.84 -10.49
N VAL A 52 6.14 19.12 -9.64
CA VAL A 52 5.78 20.49 -9.27
C VAL A 52 6.52 20.96 -8.02
N GLN A 53 6.80 20.02 -7.12
CA GLN A 53 7.55 20.32 -5.91
C GLN A 53 6.75 21.24 -4.99
N GLY A 54 5.58 20.77 -4.57
CA GLY A 54 4.71 21.51 -3.67
C GLY A 54 5.11 21.44 -2.22
N GLU A 55 5.71 20.32 -1.81
CA GLU A 55 6.14 20.15 -0.42
C GLU A 55 7.15 19.02 -0.27
N GLU A 56 8.26 19.31 0.40
CA GLU A 56 9.37 18.37 0.51
C GLU A 56 9.18 17.31 1.60
N SER A 57 9.57 16.08 1.26
CA SER A 57 9.48 14.95 2.17
C SER A 57 10.03 13.72 1.47
N ASN A 58 10.74 12.87 2.21
CA ASN A 58 11.30 11.65 1.62
C ASN A 58 10.14 10.75 1.22
N ASP A 59 9.03 10.88 1.95
CA ASP A 59 7.86 10.05 1.71
C ASP A 59 7.11 10.52 0.46
N LYS A 60 6.69 11.77 0.48
CA LYS A 60 5.89 12.34 -0.58
C LYS A 60 6.74 13.08 -1.61
N ILE A 61 6.55 12.72 -2.87
CA ILE A 61 7.10 13.49 -3.97
C ILE A 61 5.96 14.16 -4.73
N PRO A 62 5.84 15.48 -4.59
CA PRO A 62 4.78 16.23 -5.26
C PRO A 62 4.88 16.11 -6.77
N VAL A 63 3.80 15.67 -7.41
CA VAL A 63 3.80 15.50 -8.86
C VAL A 63 2.43 15.85 -9.46
N ALA A 64 2.45 16.69 -10.48
CA ALA A 64 1.27 16.97 -11.27
C ALA A 64 1.34 16.18 -12.57
N LEU A 65 0.26 15.49 -12.90
CA LEU A 65 0.23 14.69 -14.10
C LEU A 65 -1.00 14.99 -14.94
N GLY A 66 -0.80 15.12 -16.24
CA GLY A 66 -1.86 15.40 -17.18
C GLY A 66 -1.64 14.61 -18.44
N LEU A 67 -2.67 14.48 -19.26
CA LEU A 67 -2.61 13.64 -20.44
C LEU A 67 -1.80 14.26 -21.57
N LYS A 68 -0.91 13.47 -22.16
CA LYS A 68 0.02 13.98 -23.18
C LYS A 68 -0.59 13.98 -24.59
N GLU A 69 0.03 14.74 -25.49
CA GLU A 69 -0.54 15.02 -26.81
C GLU A 69 -1.95 15.56 -26.67
N LYS A 70 -2.27 15.97 -25.46
CA LYS A 70 -3.57 16.53 -25.11
C LYS A 70 -3.35 17.61 -24.06
N ASN A 71 -4.36 18.43 -23.81
CA ASN A 71 -4.21 19.57 -22.90
C ASN A 71 -4.82 19.37 -21.51
N LEU A 72 -5.31 18.17 -21.23
CA LEU A 72 -5.98 17.90 -19.95
C LEU A 72 -5.02 17.65 -18.79
N TYR A 73 -5.42 18.12 -17.61
CA TYR A 73 -4.72 17.85 -16.36
C TYR A 73 -5.76 17.66 -15.28
N LEU A 74 -5.65 16.57 -14.53
CA LEU A 74 -6.64 16.27 -13.50
C LEU A 74 -6.37 17.02 -12.20
N SER A 75 -7.45 17.35 -11.49
CA SER A 75 -7.35 18.16 -10.29
C SER A 75 -8.53 17.87 -9.37
N CYS A 76 -8.31 18.05 -8.07
CA CYS A 76 -9.37 17.83 -7.08
C CYS A 76 -10.13 19.11 -6.70
N VAL A 77 -11.44 18.97 -6.55
CA VAL A 77 -12.31 20.09 -6.24
C VAL A 77 -13.54 19.55 -5.51
N LEU A 78 -14.17 20.41 -4.71
CA LEU A 78 -15.32 20.00 -3.93
C LEU A 78 -16.63 20.17 -4.68
N LYS A 79 -17.16 19.07 -5.21
CA LYS A 79 -18.52 19.08 -5.74
C LYS A 79 -19.50 18.88 -4.60
N ASP A 80 -19.92 20.00 -4.00
CA ASP A 80 -20.80 19.99 -2.84
C ASP A 80 -20.09 19.50 -1.57
N ASP A 81 -18.92 20.08 -1.32
CA ASP A 81 -18.17 19.84 -0.09
C ASP A 81 -17.69 18.40 0.09
N LYS A 82 -17.49 17.71 -1.02
CA LYS A 82 -16.89 16.38 -1.00
C LYS A 82 -15.93 16.26 -2.17
N PRO A 83 -14.66 15.94 -1.88
CA PRO A 83 -13.61 15.87 -2.90
C PRO A 83 -14.05 15.09 -4.13
N THR A 84 -13.77 15.67 -5.30
CA THR A 84 -14.18 15.09 -6.56
C THR A 84 -13.05 15.23 -7.56
N LEU A 85 -12.80 14.17 -8.32
CA LEU A 85 -11.78 14.21 -9.36
C LEU A 85 -12.38 14.79 -10.63
N GLN A 86 -11.68 15.74 -11.24
CA GLN A 86 -12.16 16.36 -12.46
C GLN A 86 -11.01 16.69 -13.41
N LEU A 87 -11.31 16.73 -14.70
CA LEU A 87 -10.34 17.09 -15.71
C LEU A 87 -10.52 18.54 -16.15
N GLU A 88 -9.62 19.42 -15.71
CA GLU A 88 -9.64 20.81 -16.16
C GLU A 88 -8.65 21.04 -17.30
N SER A 89 -9.10 21.69 -18.36
CA SER A 89 -8.22 22.02 -19.48
C SER A 89 -7.30 23.18 -19.09
N VAL A 90 -6.29 23.45 -19.92
CA VAL A 90 -5.30 24.45 -19.57
C VAL A 90 -4.74 25.15 -20.81
N ASP A 91 -4.10 26.30 -20.59
CA ASP A 91 -3.37 26.97 -21.66
C ASP A 91 -2.12 26.17 -22.03
N PRO A 92 -2.09 25.64 -23.24
CA PRO A 92 -0.92 24.87 -23.70
C PRO A 92 0.32 25.75 -23.69
N LYS A 93 0.09 27.06 -23.71
CA LYS A 93 1.18 28.04 -23.68
C LYS A 93 1.96 27.97 -22.38
N ASN A 94 1.25 28.05 -21.26
CA ASN A 94 1.87 28.13 -19.94
C ASN A 94 2.50 26.81 -19.49
N TYR A 95 1.76 25.72 -19.65
CA TYR A 95 2.14 24.42 -19.10
C TYR A 95 3.02 23.62 -20.05
N PRO A 96 3.75 22.63 -19.52
CA PRO A 96 3.82 22.30 -18.09
C PRO A 96 4.62 23.35 -17.31
N LYS A 97 4.40 23.44 -16.00
CA LYS A 97 5.02 24.47 -15.19
C LYS A 97 5.21 24.02 -13.74
N LYS A 98 6.21 24.58 -13.06
CA LYS A 98 6.41 24.29 -11.64
C LYS A 98 5.42 25.08 -10.80
N LYS A 99 5.43 24.83 -9.50
CA LYS A 99 4.61 25.60 -8.56
C LYS A 99 3.17 25.67 -9.05
N MET A 100 2.73 24.61 -9.73
CA MET A 100 1.40 24.58 -10.32
C MET A 100 0.31 24.70 -9.25
N GLU A 101 -0.83 25.26 -9.64
CA GLU A 101 -1.98 25.42 -8.76
C GLU A 101 -2.22 24.12 -8.00
N LYS A 102 -2.37 24.24 -6.68
CA LYS A 102 -2.44 23.06 -5.83
C LYS A 102 -3.73 22.23 -6.00
N ARG A 103 -4.64 22.73 -6.83
CA ARG A 103 -5.77 21.91 -7.26
C ARG A 103 -5.23 20.81 -8.16
N PHE A 104 -4.18 21.15 -8.89
CA PHE A 104 -3.61 20.28 -9.91
C PHE A 104 -2.48 19.40 -9.38
N VAL A 105 -2.11 19.60 -8.11
CA VAL A 105 -0.96 18.92 -7.52
C VAL A 105 -1.29 17.63 -6.76
N PHE A 106 -0.46 16.62 -6.97
CA PHE A 106 -0.51 15.38 -6.19
C PHE A 106 0.88 15.04 -5.71
N ASN A 107 0.97 14.24 -4.66
CA ASN A 107 2.26 13.76 -4.19
C ASN A 107 2.30 12.24 -4.12
N LYS A 108 3.02 11.64 -5.06
CA LYS A 108 3.05 10.19 -5.17
C LYS A 108 3.82 9.55 -4.03
N ILE A 109 3.16 8.61 -3.35
CA ILE A 109 3.80 7.80 -2.32
C ILE A 109 4.19 6.48 -2.96
N GLU A 110 5.43 6.37 -3.39
CA GLU A 110 5.88 5.16 -4.06
C GLU A 110 6.70 4.28 -3.14
N ILE A 111 6.35 3.01 -3.09
CA ILE A 111 7.06 2.04 -2.27
C ILE A 111 7.18 0.72 -3.02
N ASN A 112 8.42 0.32 -3.28
CA ASN A 112 8.67 -0.94 -3.97
C ASN A 112 7.86 -0.99 -5.26
N ASN A 113 8.05 0.01 -6.11
CA ASN A 113 7.37 0.06 -7.39
C ASN A 113 5.84 0.15 -7.51
N LYS A 114 5.19 0.14 -6.35
CA LYS A 114 3.75 0.35 -6.23
C LYS A 114 3.52 1.73 -5.64
N LEU A 115 2.71 2.56 -6.29
CA LEU A 115 2.61 3.96 -5.88
C LEU A 115 1.18 4.45 -5.71
N GLU A 116 0.96 5.23 -4.64
CA GLU A 116 -0.32 5.89 -4.40
C GLU A 116 -0.20 7.35 -4.78
N PHE A 117 -1.34 8.04 -4.86
CA PHE A 117 -1.35 9.47 -5.16
C PHE A 117 -2.27 10.21 -4.19
N GLU A 118 -1.70 10.80 -3.15
CA GLU A 118 -2.49 11.60 -2.23
C GLU A 118 -2.76 12.97 -2.84
N SER A 119 -3.86 13.58 -2.44
CA SER A 119 -4.18 14.92 -2.90
C SER A 119 -3.53 15.97 -2.02
N ALA A 120 -2.91 16.97 -2.64
CA ALA A 120 -2.32 18.06 -1.91
C ALA A 120 -3.43 18.91 -1.30
N GLN A 121 -4.41 19.27 -2.12
CA GLN A 121 -5.53 20.08 -1.67
C GLN A 121 -6.25 19.41 -0.51
N PHE A 122 -6.58 18.13 -0.68
CA PHE A 122 -7.20 17.35 0.39
C PHE A 122 -6.32 16.18 0.80
N PRO A 123 -5.56 16.35 1.91
CA PRO A 123 -4.79 15.22 2.44
C PRO A 123 -5.72 14.08 2.82
N ASN A 124 -5.20 12.85 2.80
CA ASN A 124 -5.99 11.69 3.17
C ASN A 124 -7.12 11.43 2.17
N TRP A 125 -6.96 11.97 0.96
CA TRP A 125 -7.87 11.69 -0.14
C TRP A 125 -7.05 11.29 -1.37
N TYR A 126 -7.37 10.14 -1.93
CA TYR A 126 -6.51 9.52 -2.95
C TYR A 126 -7.23 9.22 -4.24
N ILE A 127 -6.49 9.33 -5.35
CA ILE A 127 -6.97 8.82 -6.63
C ILE A 127 -7.25 7.35 -6.47
N SER A 128 -8.47 6.94 -6.80
CA SER A 128 -8.89 5.58 -6.53
C SER A 128 -9.72 5.03 -7.67
N THR A 129 -10.02 3.74 -7.59
CA THR A 129 -10.83 3.06 -8.59
C THR A 129 -11.61 1.93 -7.94
N SER A 130 -12.80 1.66 -8.46
CA SER A 130 -13.61 0.59 -7.88
C SER A 130 -13.07 -0.73 -8.38
N GLN A 131 -13.60 -1.83 -7.86
CA GLN A 131 -13.21 -3.13 -8.37
C GLN A 131 -14.11 -3.52 -9.53
N ALA A 132 -15.31 -2.93 -9.59
CA ALA A 132 -16.14 -3.11 -10.75
C ALA A 132 -15.33 -2.68 -11.97
N GLU A 133 -15.83 -3.02 -13.15
CA GLU A 133 -15.04 -2.81 -14.36
C GLU A 133 -15.12 -1.38 -14.95
N ASN A 134 -16.27 -0.99 -15.50
CA ASN A 134 -16.33 0.30 -16.19
C ASN A 134 -16.39 1.56 -15.31
N MET A 135 -16.71 1.42 -14.03
CA MET A 135 -16.79 2.59 -13.15
C MET A 135 -15.54 3.49 -13.26
N PRO A 136 -15.74 4.82 -13.20
CA PRO A 136 -14.70 5.82 -13.42
C PRO A 136 -13.63 5.88 -12.34
N VAL A 137 -12.47 6.45 -12.68
CA VAL A 137 -11.45 6.81 -11.70
C VAL A 137 -11.94 8.01 -10.91
N PHE A 138 -11.66 8.04 -9.62
CA PHE A 138 -12.20 9.10 -8.78
C PHE A 138 -11.33 9.40 -7.57
N LEU A 139 -11.51 10.59 -7.01
CA LEU A 139 -10.87 10.93 -5.74
C LEU A 139 -11.55 10.11 -4.65
N GLY A 140 -10.76 9.56 -3.75
CA GLY A 140 -11.31 8.67 -2.73
C GLY A 140 -10.79 8.97 -1.34
N GLY A 141 -11.66 8.84 -0.35
CA GLY A 141 -11.31 9.12 1.03
C GLY A 141 -10.87 7.89 1.81
N THR A 142 -11.29 6.72 1.34
CA THR A 142 -10.95 5.48 2.02
C THR A 142 -9.76 4.76 1.37
N LYS A 143 -8.75 4.48 2.18
CA LYS A 143 -7.55 3.78 1.73
C LYS A 143 -7.56 2.35 2.25
N GLY A 144 -7.24 1.40 1.40
CA GLY A 144 -7.19 -0.01 1.79
C GLY A 144 -8.56 -0.64 2.04
N GLY A 145 -9.60 -0.01 1.52
CA GLY A 145 -10.96 -0.54 1.67
C GLY A 145 -11.45 -1.32 0.47
N GLN A 146 -12.64 -0.97 0.00
CA GLN A 146 -13.26 -1.62 -1.15
C GLN A 146 -12.69 -1.11 -2.47
N ASP A 147 -12.19 0.13 -2.46
CA ASP A 147 -11.67 0.76 -3.67
C ASP A 147 -10.14 0.72 -3.73
N ILE A 148 -9.62 0.54 -4.94
CA ILE A 148 -8.18 0.41 -5.15
C ILE A 148 -7.46 1.75 -5.18
N THR A 149 -6.50 1.95 -4.28
CA THR A 149 -5.84 3.24 -4.18
C THR A 149 -4.47 3.31 -4.87
N ASP A 150 -3.69 2.24 -4.75
CA ASP A 150 -2.35 2.20 -5.34
C ASP A 150 -2.26 1.50 -6.69
N PHE A 151 -1.40 2.01 -7.57
CA PHE A 151 -1.24 1.47 -8.90
C PHE A 151 0.21 1.21 -9.19
N THR A 152 0.46 0.73 -10.41
CA THR A 152 1.81 0.51 -10.87
C THR A 152 1.96 1.10 -12.25
N MET A 153 2.99 1.90 -12.45
CA MET A 153 3.19 2.60 -13.72
C MET A 153 4.26 1.94 -14.57
N GLN A 154 4.06 1.97 -15.89
CA GLN A 154 5.09 1.55 -16.84
C GLN A 154 5.46 2.71 -17.74
N PHE A 155 6.72 3.11 -17.72
CA PHE A 155 7.19 4.19 -18.57
C PHE A 155 6.98 3.82 -20.04
N VAL A 156 6.87 4.83 -20.88
CA VAL A 156 6.55 4.60 -22.29
C VAL A 156 7.36 5.56 -23.16
N SER A 157 7.33 5.32 -24.47
CA SER A 157 8.12 6.10 -25.42
C SER A 157 7.28 6.51 -26.62
N CYS B 18 -31.64 11.50 -34.73
CA CYS B 18 -30.84 11.41 -33.51
C CYS B 18 -29.34 11.39 -33.81
N ARG B 19 -28.56 11.80 -32.81
CA ARG B 19 -27.11 11.89 -32.95
C ARG B 19 -26.44 10.54 -32.75
N PHE B 20 -25.31 10.35 -33.41
CA PHE B 20 -24.45 9.20 -33.17
C PHE B 20 -23.30 9.68 -32.28
N ARG B 21 -23.27 9.19 -31.04
CA ARG B 21 -22.30 9.69 -30.08
C ARG B 21 -20.87 9.21 -30.32
N GLY B 22 -20.70 7.94 -30.65
CA GLY B 22 -19.38 7.42 -30.93
C GLY B 22 -19.22 5.92 -30.82
N ARG B 23 -18.06 5.43 -31.23
CA ARG B 23 -17.71 4.01 -31.17
C ARG B 23 -17.17 3.63 -29.79
N HIS B 24 -17.64 2.51 -29.26
CA HIS B 24 -17.22 2.05 -27.94
C HIS B 24 -15.79 1.50 -27.96
N TYR B 25 -14.94 2.04 -27.10
CA TYR B 25 -13.51 1.75 -27.12
C TYR B 25 -13.15 0.27 -27.07
N LYS B 26 -13.70 -0.47 -26.12
CA LYS B 26 -13.38 -1.89 -26.00
C LYS B 26 -14.18 -2.76 -26.96
N ARG B 27 -13.53 -3.19 -28.03
CA ARG B 27 -14.11 -4.21 -28.89
C ARG B 27 -14.05 -5.51 -28.11
N GLU B 28 -14.78 -6.51 -28.55
CA GLU B 28 -14.87 -7.75 -27.78
C GLU B 28 -14.67 -8.99 -28.63
N PHE B 29 -13.47 -9.55 -28.52
CA PHE B 29 -13.12 -10.77 -29.24
C PHE B 29 -13.36 -11.98 -28.35
N ARG B 30 -14.57 -12.51 -28.41
CA ARG B 30 -14.95 -13.67 -27.62
C ARG B 30 -14.82 -14.94 -28.43
N LEU B 31 -15.01 -16.09 -27.79
CA LEU B 31 -14.97 -17.38 -28.47
C LEU B 31 -16.37 -17.90 -28.78
N GLU B 32 -16.45 -18.78 -29.77
CA GLU B 32 -17.71 -19.40 -30.16
C GLU B 32 -18.26 -20.29 -29.06
N GLY B 33 -19.56 -20.54 -29.09
CA GLY B 33 -20.18 -21.50 -28.19
C GLY B 33 -20.21 -21.10 -26.73
N GLU B 34 -20.19 -19.81 -26.45
CA GLU B 34 -20.29 -19.32 -25.09
C GLU B 34 -20.90 -17.92 -25.04
N PRO B 35 -21.52 -17.58 -23.90
CA PRO B 35 -22.29 -16.35 -23.70
C PRO B 35 -21.53 -15.07 -24.02
N VAL B 36 -22.30 -14.02 -24.31
CA VAL B 36 -21.77 -12.70 -24.62
C VAL B 36 -22.78 -11.67 -24.15
N ALA B 37 -22.29 -10.49 -23.76
CA ALA B 37 -23.19 -9.44 -23.29
C ALA B 37 -22.72 -8.06 -23.69
N LEU B 38 -23.34 -7.52 -24.73
CA LEU B 38 -23.03 -6.17 -25.18
C LEU B 38 -23.94 -5.16 -24.47
N ARG B 39 -23.40 -4.47 -23.48
CA ARG B 39 -24.15 -3.42 -22.79
C ARG B 39 -24.01 -2.13 -23.58
N CYS B 40 -25.14 -1.46 -23.81
CA CYS B 40 -25.12 -0.20 -24.56
C CYS B 40 -23.99 0.68 -24.05
N PRO B 41 -23.15 1.16 -24.98
CA PRO B 41 -21.90 1.83 -24.59
C PRO B 41 -22.16 3.11 -23.82
N GLN B 42 -21.52 3.25 -22.66
CA GLN B 42 -21.52 4.49 -21.90
C GLN B 42 -22.92 5.07 -21.69
N VAL B 43 -23.94 4.33 -22.08
CA VAL B 43 -25.31 4.77 -21.88
C VAL B 43 -25.79 4.39 -20.47
N PRO B 44 -25.74 3.08 -20.13
CA PRO B 44 -25.98 2.68 -18.75
C PRO B 44 -24.70 2.20 -18.04
N TYR B 45 -24.77 2.09 -16.73
CA TYR B 45 -23.68 1.54 -15.92
C TYR B 45 -24.33 0.66 -14.85
N TRP B 46 -25.54 0.20 -15.17
CA TRP B 46 -26.40 -0.46 -14.21
C TRP B 46 -26.85 0.54 -13.16
N LEU B 47 -26.39 1.78 -13.28
CA LEU B 47 -26.96 2.87 -12.52
C LEU B 47 -28.36 3.11 -13.06
N TRP B 48 -29.33 2.39 -12.52
CA TRP B 48 -30.70 2.45 -13.00
C TRP B 48 -31.63 3.24 -12.07
N ALA B 49 -31.09 4.32 -11.50
CA ALA B 49 -31.88 5.20 -10.64
C ALA B 49 -32.97 5.88 -11.46
N SER B 50 -32.57 6.51 -12.56
CA SER B 50 -33.51 7.04 -13.52
C SER B 50 -33.92 5.93 -14.47
N VAL B 51 -34.94 5.17 -14.10
CA VAL B 51 -35.37 4.02 -14.89
C VAL B 51 -36.88 3.82 -14.85
N SER B 52 -37.53 4.31 -13.79
CA SER B 52 -38.98 4.34 -13.79
C SER B 52 -39.40 4.89 -15.15
N PRO B 53 -40.62 4.57 -15.60
CA PRO B 53 -40.89 4.65 -17.03
C PRO B 53 -39.61 4.71 -17.87
N ARG B 54 -39.04 3.53 -18.12
CA ARG B 54 -37.76 3.40 -18.80
C ARG B 54 -37.73 4.07 -20.18
N ILE B 55 -36.52 4.31 -20.67
CA ILE B 55 -36.32 4.89 -21.99
C ILE B 55 -36.34 3.81 -23.07
N ASN B 56 -36.88 4.13 -24.23
CA ASN B 56 -36.85 3.22 -25.37
C ASN B 56 -35.43 2.74 -25.63
N LEU B 57 -35.28 1.45 -25.93
CA LEU B 57 -33.95 0.89 -26.19
C LEU B 57 -34.02 -0.33 -27.09
N THR B 58 -33.15 -0.35 -28.10
CA THR B 58 -33.10 -1.44 -29.08
C THR B 58 -31.77 -1.43 -29.80
N TRP B 59 -31.30 -2.62 -30.16
CA TRP B 59 -30.06 -2.76 -30.92
C TRP B 59 -30.34 -3.15 -32.36
N HIS B 60 -29.33 -2.99 -33.21
CA HIS B 60 -29.40 -3.45 -34.59
C HIS B 60 -28.02 -3.54 -35.21
N LYS B 61 -27.82 -4.56 -36.03
CA LYS B 61 -26.56 -4.77 -36.74
C LYS B 61 -26.32 -3.67 -37.76
N ASN B 62 -25.06 -3.45 -38.11
CA ASN B 62 -24.70 -2.46 -39.13
C ASN B 62 -25.33 -2.84 -40.47
N ASP B 63 -25.18 -4.10 -40.85
CA ASP B 63 -25.77 -4.61 -42.08
C ASP B 63 -27.21 -5.06 -41.85
N SER B 64 -27.44 -5.78 -40.76
CA SER B 64 -28.78 -6.27 -40.43
C SER B 64 -29.54 -5.27 -39.56
N ALA B 65 -30.47 -4.54 -40.17
CA ALA B 65 -31.20 -3.48 -39.48
C ALA B 65 -32.54 -3.92 -38.86
N ARG B 66 -33.28 -4.76 -39.57
CA ARG B 66 -34.66 -5.09 -39.20
C ARG B 66 -34.81 -5.68 -37.80
N THR B 67 -33.72 -6.21 -37.26
CA THR B 67 -33.76 -6.93 -35.99
C THR B 67 -34.41 -6.13 -34.86
N VAL B 68 -34.98 -6.84 -33.90
CA VAL B 68 -35.68 -6.23 -32.76
C VAL B 68 -34.79 -5.89 -31.55
N PRO B 69 -33.56 -6.42 -31.47
CA PRO B 69 -32.80 -7.28 -32.39
C PRO B 69 -33.38 -8.69 -32.52
N GLY B 70 -34.31 -9.04 -31.64
CA GLY B 70 -34.93 -10.35 -31.69
C GLY B 70 -33.90 -11.46 -31.60
N GLU B 71 -34.10 -12.52 -32.38
CA GLU B 71 -33.25 -13.70 -32.28
C GLU B 71 -33.23 -14.49 -33.60
N GLU B 72 -32.04 -14.81 -34.07
CA GLU B 72 -31.89 -15.65 -35.26
C GLU B 72 -32.61 -16.97 -35.00
N GLU B 73 -32.10 -17.73 -34.04
CA GLU B 73 -32.84 -18.84 -33.47
C GLU B 73 -33.57 -18.36 -32.23
N THR B 74 -33.22 -18.93 -31.08
CA THR B 74 -33.74 -18.45 -29.81
C THR B 74 -32.60 -17.86 -28.96
N ARG B 75 -31.46 -17.62 -29.60
CA ARG B 75 -30.25 -17.21 -28.89
C ARG B 75 -30.33 -15.82 -28.25
N MET B 76 -30.53 -14.81 -29.08
CA MET B 76 -30.43 -13.43 -28.64
C MET B 76 -31.65 -12.95 -27.85
N TRP B 77 -31.42 -11.99 -26.96
CA TRP B 77 -32.48 -11.29 -26.25
C TRP B 77 -31.88 -10.10 -25.53
N ALA B 78 -32.68 -9.37 -24.75
CA ALA B 78 -32.19 -8.18 -24.08
C ALA B 78 -32.51 -8.16 -22.58
N GLN B 79 -31.47 -8.37 -21.77
CA GLN B 79 -31.59 -8.26 -20.32
C GLN B 79 -31.47 -6.78 -19.95
N ASP B 80 -31.30 -6.49 -18.68
CA ASP B 80 -31.22 -5.10 -18.23
C ASP B 80 -30.06 -4.34 -18.87
N GLY B 81 -30.34 -3.69 -20.00
CA GLY B 81 -29.38 -2.84 -20.67
C GLY B 81 -28.34 -3.48 -21.58
N ALA B 82 -28.46 -4.80 -21.80
CA ALA B 82 -27.48 -5.51 -22.62
C ALA B 82 -28.10 -6.72 -23.31
N LEU B 83 -27.71 -6.95 -24.56
CA LEU B 83 -28.19 -8.12 -25.28
C LEU B 83 -27.17 -9.25 -25.23
N TRP B 84 -27.66 -10.47 -25.14
CA TRP B 84 -26.82 -11.64 -24.95
C TRP B 84 -26.81 -12.53 -26.20
N LEU B 85 -25.83 -13.41 -26.29
CA LEU B 85 -25.73 -14.35 -27.41
C LEU B 85 -25.22 -15.69 -26.92
N LEU B 86 -26.09 -16.41 -26.22
CA LEU B 86 -25.71 -17.71 -25.68
C LEU B 86 -26.46 -18.85 -26.35
N PRO B 87 -25.72 -19.72 -27.05
CA PRO B 87 -24.29 -19.52 -27.27
C PRO B 87 -24.06 -18.50 -28.37
N ALA B 88 -22.96 -17.75 -28.30
CA ALA B 88 -22.57 -16.87 -29.39
C ALA B 88 -21.95 -17.72 -30.50
N LEU B 89 -22.46 -17.55 -31.71
CA LEU B 89 -22.01 -18.34 -32.84
C LEU B 89 -20.99 -17.58 -33.68
N GLN B 90 -20.03 -18.31 -34.24
CA GLN B 90 -19.16 -17.75 -35.27
C GLN B 90 -20.09 -17.28 -36.39
N GLU B 91 -19.81 -16.09 -36.92
CA GLU B 91 -20.67 -15.39 -37.88
C GLU B 91 -21.45 -14.29 -37.16
N ASP B 92 -21.62 -14.46 -35.86
CA ASP B 92 -22.27 -13.43 -35.05
C ASP B 92 -21.41 -12.16 -35.02
N SER B 93 -20.15 -12.32 -35.40
CA SER B 93 -19.23 -11.18 -35.55
C SER B 93 -19.92 -10.04 -36.29
N GLY B 94 -19.73 -8.82 -35.78
CA GLY B 94 -20.34 -7.65 -36.41
C GLY B 94 -20.28 -6.42 -35.53
N THR B 95 -21.06 -5.41 -35.90
CA THR B 95 -21.08 -4.15 -35.17
C THR B 95 -22.52 -3.82 -34.82
N TYR B 96 -22.73 -3.27 -33.63
CA TYR B 96 -24.07 -3.04 -33.14
C TYR B 96 -24.20 -1.63 -32.61
N VAL B 97 -25.42 -1.10 -32.57
CA VAL B 97 -25.64 0.23 -32.06
C VAL B 97 -26.81 0.26 -31.09
N CYS B 98 -26.60 0.92 -29.96
CA CYS B 98 -27.64 1.05 -28.96
C CYS B 98 -28.56 2.21 -29.34
N THR B 99 -29.72 2.28 -28.69
CA THR B 99 -30.64 3.38 -28.92
C THR B 99 -31.24 3.88 -27.61
N THR B 100 -31.42 5.19 -27.52
CA THR B 100 -31.95 5.84 -26.33
C THR B 100 -32.86 6.98 -26.75
N ARG B 101 -34.00 7.12 -26.08
CA ARG B 101 -34.98 8.13 -26.47
C ARG B 101 -35.68 8.84 -25.31
N ASN B 102 -35.23 10.05 -25.04
CA ASN B 102 -35.95 11.03 -24.24
C ASN B 102 -36.48 12.00 -25.29
N ALA B 103 -37.79 12.13 -25.44
CA ALA B 103 -38.35 13.02 -26.46
C ALA B 103 -37.49 14.27 -26.56
N SER B 104 -36.94 14.65 -25.41
CA SER B 104 -36.00 15.76 -25.31
C SER B 104 -34.61 15.39 -25.83
N TYR B 105 -34.37 14.11 -26.05
CA TYR B 105 -33.08 13.66 -26.59
C TYR B 105 -33.10 12.30 -27.30
N CYS B 106 -32.00 12.00 -27.98
CA CYS B 106 -31.82 10.71 -28.65
C CYS B 106 -30.39 10.56 -29.20
N ASP B 107 -29.82 9.37 -29.04
CA ASP B 107 -28.49 9.07 -29.56
C ASP B 107 -28.16 7.58 -29.59
N LYS B 108 -26.99 7.26 -30.16
CA LYS B 108 -26.61 5.88 -30.44
C LYS B 108 -25.11 5.67 -30.29
N MET B 109 -24.71 4.42 -30.02
CA MET B 109 -23.31 4.06 -29.90
C MET B 109 -23.09 2.61 -30.28
N SER B 110 -21.93 2.30 -30.84
CA SER B 110 -21.66 0.96 -31.36
C SER B 110 -20.65 0.17 -30.54
N ILE B 111 -20.94 -1.11 -30.33
CA ILE B 111 -19.94 -2.05 -29.81
C ILE B 111 -19.51 -2.94 -30.95
N GLU B 112 -18.20 -3.00 -31.22
CA GLU B 112 -17.72 -3.98 -32.19
C GLU B 112 -17.74 -5.36 -31.57
N LEU B 113 -17.67 -6.40 -32.39
CA LEU B 113 -17.65 -7.76 -31.88
C LEU B 113 -17.09 -8.75 -32.90
N ARG B 114 -16.29 -9.69 -32.41
CA ARG B 114 -15.74 -10.75 -33.25
C ARG B 114 -15.73 -12.07 -32.49
N VAL B 115 -16.39 -13.08 -33.07
CA VAL B 115 -16.38 -14.40 -32.48
C VAL B 115 -15.43 -15.32 -33.23
N PHE B 116 -14.54 -15.97 -32.49
CA PHE B 116 -13.62 -16.94 -33.07
C PHE B 116 -14.09 -18.37 -32.81
N GLU B 117 -13.48 -19.32 -33.51
CA GLU B 117 -13.74 -20.73 -33.27
C GLU B 117 -13.01 -21.17 -32.00
N ASN B 118 -13.60 -22.13 -31.28
CA ASN B 118 -12.99 -22.61 -30.04
C ASN B 118 -11.78 -23.51 -30.23
N THR B 119 -10.88 -23.09 -31.11
CA THR B 119 -9.62 -23.79 -31.29
C THR B 119 -8.54 -23.15 -30.44
N ASP B 120 -7.66 -23.97 -29.88
CA ASP B 120 -6.55 -23.49 -29.09
C ASP B 120 -5.72 -22.47 -29.87
N ALA B 121 -5.76 -22.59 -31.19
CA ALA B 121 -4.97 -21.72 -32.06
C ALA B 121 -5.40 -20.25 -31.99
N PHE B 122 -6.66 -20.01 -31.64
CA PHE B 122 -7.21 -18.66 -31.63
C PHE B 122 -6.96 -17.89 -30.33
N LEU B 123 -6.36 -18.57 -29.36
CA LEU B 123 -6.18 -18.00 -28.02
C LEU B 123 -5.42 -16.67 -27.96
N PRO B 124 -4.29 -16.57 -28.68
CA PRO B 124 -3.46 -15.36 -28.62
C PRO B 124 -4.21 -14.08 -28.98
N PHE B 125 -5.37 -14.21 -29.63
CA PHE B 125 -6.16 -13.05 -30.04
C PHE B 125 -7.14 -12.60 -28.96
N ILE B 126 -7.49 -13.53 -28.07
CA ILE B 126 -8.44 -13.26 -27.00
C ILE B 126 -7.71 -12.83 -25.73
N SER B 127 -6.38 -12.92 -25.77
CA SER B 127 -5.56 -12.73 -24.58
C SER B 127 -5.66 -11.33 -23.97
N TYR B 128 -5.83 -11.29 -22.66
CA TYR B 128 -5.65 -10.05 -21.91
C TYR B 128 -4.23 -10.03 -21.37
N PRO B 129 -3.47 -8.97 -21.71
CA PRO B 129 -2.12 -8.81 -21.17
C PRO B 129 -2.16 -8.40 -19.70
N GLN B 130 -1.73 -9.29 -18.81
CA GLN B 130 -1.61 -8.98 -17.39
C GLN B 130 -0.12 -8.96 -17.04
N ILE B 131 0.31 -7.94 -16.32
CA ILE B 131 1.74 -7.79 -16.03
C ILE B 131 2.07 -8.01 -14.56
N LEU B 132 3.24 -8.59 -14.33
CA LEU B 132 3.75 -8.75 -12.98
C LEU B 132 5.27 -8.64 -13.01
N THR B 133 5.82 -7.90 -12.06
CA THR B 133 7.25 -7.85 -11.90
C THR B 133 7.69 -9.11 -11.16
N LEU B 134 8.87 -9.64 -11.52
CA LEU B 134 9.30 -10.94 -11.00
C LEU B 134 9.97 -10.88 -9.65
N SER B 135 10.10 -12.04 -9.01
CA SER B 135 10.64 -12.17 -7.67
C SER B 135 9.71 -11.53 -6.65
N THR B 136 8.48 -11.27 -7.08
CA THR B 136 7.45 -10.76 -6.18
C THR B 136 6.19 -11.59 -6.34
N SER B 137 5.30 -11.49 -5.36
CA SER B 137 3.98 -12.06 -5.50
C SER B 137 3.13 -11.10 -6.31
N GLY B 138 2.18 -11.64 -7.04
CA GLY B 138 1.31 -10.83 -7.86
C GLY B 138 -0.02 -11.51 -8.07
N VAL B 139 -0.93 -10.85 -8.76
CA VAL B 139 -2.26 -11.40 -8.94
C VAL B 139 -2.76 -11.27 -10.37
N LEU B 140 -3.36 -12.35 -10.86
CA LEU B 140 -4.05 -12.35 -12.14
C LEU B 140 -5.54 -12.34 -11.89
N VAL B 141 -6.25 -11.37 -12.46
CA VAL B 141 -7.70 -11.33 -12.34
C VAL B 141 -8.36 -11.73 -13.65
N CYS B 142 -9.40 -12.55 -13.57
CA CYS B 142 -10.14 -12.93 -14.76
C CYS B 142 -11.02 -11.74 -15.14
N PRO B 143 -10.82 -11.23 -16.36
CA PRO B 143 -11.46 -10.00 -16.82
C PRO B 143 -12.85 -10.23 -17.38
N ASP B 144 -13.62 -9.15 -17.50
CA ASP B 144 -14.94 -9.19 -18.15
C ASP B 144 -15.78 -10.38 -17.68
N LEU B 145 -16.39 -10.22 -16.52
CA LEU B 145 -17.20 -11.25 -15.91
C LEU B 145 -18.32 -10.59 -15.11
N SER B 146 -18.31 -9.26 -15.13
CA SER B 146 -19.20 -8.46 -14.29
C SER B 146 -20.66 -8.83 -14.50
N GLU B 147 -21.12 -8.78 -15.76
CA GLU B 147 -22.51 -9.04 -16.08
C GLU B 147 -23.02 -10.37 -15.55
N PHE B 148 -22.13 -11.36 -15.46
CA PHE B 148 -22.54 -12.70 -15.06
C PHE B 148 -22.35 -12.94 -13.57
N THR B 149 -21.46 -12.16 -12.96
CA THR B 149 -21.19 -12.28 -11.52
C THR B 149 -22.18 -11.45 -10.71
N ARG B 150 -23.46 -11.66 -10.96
CA ARG B 150 -24.50 -11.02 -10.17
C ARG B 150 -25.23 -12.04 -9.32
N ASP B 151 -24.51 -13.10 -8.94
CA ASP B 151 -25.07 -14.18 -8.14
C ASP B 151 -24.16 -14.45 -6.95
N LYS B 152 -24.68 -15.15 -5.93
CA LYS B 152 -23.96 -15.30 -4.68
C LYS B 152 -23.08 -16.55 -4.56
N THR B 153 -23.31 -17.56 -5.40
CA THR B 153 -22.37 -18.65 -5.50
C THR B 153 -21.06 -18.04 -5.97
N ASP B 154 -20.26 -17.59 -5.02
CA ASP B 154 -19.12 -16.74 -5.33
C ASP B 154 -18.16 -17.34 -6.33
N VAL B 155 -18.37 -17.00 -7.60
CA VAL B 155 -17.37 -17.22 -8.63
C VAL B 155 -16.69 -18.58 -8.54
N LYS B 156 -17.29 -19.59 -9.18
CA LYS B 156 -16.68 -20.90 -9.27
C LYS B 156 -15.77 -20.98 -10.50
N ILE B 157 -14.59 -20.38 -10.41
CA ILE B 157 -13.64 -20.36 -11.52
C ILE B 157 -12.56 -21.41 -11.35
N GLN B 158 -12.05 -21.93 -12.47
CA GLN B 158 -11.00 -22.93 -12.45
C GLN B 158 -9.86 -22.53 -13.37
N TRP B 159 -8.73 -22.13 -12.79
CA TRP B 159 -7.59 -21.68 -13.57
C TRP B 159 -6.79 -22.86 -14.13
N TYR B 160 -6.63 -22.87 -15.45
CA TYR B 160 -5.72 -23.82 -16.08
C TYR B 160 -4.47 -23.07 -16.55
N LYS B 161 -3.33 -23.77 -16.56
CA LYS B 161 -2.11 -23.26 -17.15
C LYS B 161 -1.72 -24.22 -18.26
N ASP B 162 -1.77 -23.75 -19.50
CA ASP B 162 -1.53 -24.63 -20.66
C ASP B 162 -2.20 -26.00 -20.50
N SER B 163 -3.50 -26.00 -20.26
CA SER B 163 -4.24 -27.24 -20.06
C SER B 163 -3.74 -28.01 -18.84
N LEU B 164 -3.46 -27.28 -17.77
CA LEU B 164 -3.02 -27.90 -16.54
C LEU B 164 -3.84 -27.30 -15.40
N LEU B 165 -4.75 -28.08 -14.82
CA LEU B 165 -5.62 -27.52 -13.77
C LEU B 165 -4.86 -27.36 -12.46
N LEU B 166 -5.08 -26.22 -11.83
CA LEU B 166 -4.37 -25.82 -10.64
C LEU B 166 -5.19 -26.13 -9.39
N ASP B 167 -4.71 -27.09 -8.60
CA ASP B 167 -5.37 -27.51 -7.36
C ASP B 167 -4.69 -26.89 -6.15
N LYS B 168 -5.44 -26.77 -5.05
CA LYS B 168 -4.85 -26.26 -3.81
C LYS B 168 -3.59 -27.03 -3.45
N ASP B 169 -3.46 -28.23 -4.00
CA ASP B 169 -2.25 -29.01 -3.81
C ASP B 169 -1.06 -28.29 -4.44
N ASN B 170 -1.35 -27.44 -5.42
CA ASN B 170 -0.30 -26.67 -6.07
C ASN B 170 0.23 -25.56 -5.17
N GLU B 171 1.56 -25.48 -5.07
CA GLU B 171 2.22 -24.54 -4.18
C GLU B 171 2.67 -23.25 -4.86
N LYS B 172 2.64 -23.24 -6.18
CA LYS B 172 3.11 -22.10 -6.94
C LYS B 172 2.02 -21.07 -7.16
N PHE B 173 0.80 -21.56 -7.35
CA PHE B 173 -0.34 -20.71 -7.66
C PHE B 173 -1.49 -21.00 -6.75
N LEU B 174 -2.01 -19.96 -6.10
CA LEU B 174 -3.19 -20.11 -5.26
C LEU B 174 -4.41 -19.48 -5.90
N SER B 175 -5.42 -20.31 -6.16
CA SER B 175 -6.70 -19.81 -6.64
C SER B 175 -7.50 -19.30 -5.45
N VAL B 176 -7.78 -18.00 -5.45
CA VAL B 176 -8.49 -17.36 -4.34
C VAL B 176 -9.93 -17.82 -4.26
N ARG B 177 -10.33 -18.31 -3.09
CA ARG B 177 -11.64 -18.90 -2.91
C ARG B 177 -12.75 -17.93 -3.28
N GLY B 178 -13.54 -18.32 -4.29
CA GLY B 178 -14.68 -17.52 -4.70
C GLY B 178 -14.33 -16.13 -5.18
N THR B 179 -13.29 -16.04 -6.02
CA THR B 179 -12.89 -14.75 -6.57
C THR B 179 -12.27 -14.91 -7.94
N THR B 180 -11.91 -13.78 -8.54
CA THR B 180 -11.39 -13.76 -9.89
C THR B 180 -9.86 -13.79 -9.90
N HIS B 181 -9.27 -13.75 -8.71
CA HIS B 181 -7.82 -13.62 -8.60
C HIS B 181 -7.06 -14.94 -8.53
N LEU B 182 -5.94 -15.00 -9.25
CA LEU B 182 -5.02 -16.12 -9.15
C LEU B 182 -3.74 -15.60 -8.51
N LEU B 183 -3.40 -16.12 -7.34
CA LEU B 183 -2.25 -15.62 -6.62
C LEU B 183 -0.98 -16.34 -7.03
N VAL B 184 -0.10 -15.62 -7.73
CA VAL B 184 1.24 -16.12 -7.99
C VAL B 184 2.09 -15.80 -6.77
N HIS B 185 2.54 -16.84 -6.07
CA HIS B 185 3.18 -16.63 -4.76
C HIS B 185 4.51 -15.91 -4.85
N ASP B 186 5.32 -16.30 -5.82
CA ASP B 186 6.63 -15.70 -6.05
C ASP B 186 6.94 -15.96 -7.51
N VAL B 187 6.72 -14.95 -8.34
CA VAL B 187 6.75 -15.13 -9.79
C VAL B 187 8.17 -15.32 -10.30
N ALA B 188 8.31 -16.19 -11.31
CA ALA B 188 9.61 -16.46 -11.90
C ALA B 188 9.49 -16.40 -13.42
N LEU B 189 10.63 -16.45 -14.10
CA LEU B 189 10.64 -16.32 -15.56
C LEU B 189 9.79 -17.40 -16.24
N GLU B 190 9.75 -18.58 -15.65
CA GLU B 190 9.04 -19.71 -16.24
C GLU B 190 7.54 -19.59 -16.05
N ASP B 191 7.13 -18.57 -15.30
CA ASP B 191 5.72 -18.33 -15.01
C ASP B 191 5.02 -17.53 -16.11
N ALA B 192 5.81 -16.91 -16.99
CA ALA B 192 5.25 -16.21 -18.13
C ALA B 192 4.48 -17.19 -19.00
N GLY B 193 3.55 -16.69 -19.79
CA GLY B 193 2.77 -17.54 -20.67
C GLY B 193 1.28 -17.31 -20.58
N TYR B 194 0.52 -18.20 -21.21
CA TYR B 194 -0.94 -18.09 -21.27
C TYR B 194 -1.66 -18.86 -20.17
N TYR B 195 -2.70 -18.25 -19.62
CA TYR B 195 -3.52 -18.89 -18.59
C TYR B 195 -4.98 -18.90 -19.03
N ARG B 196 -5.87 -19.41 -18.17
CA ARG B 196 -7.30 -19.44 -18.49
C ARG B 196 -8.22 -19.29 -17.29
N CYS B 197 -9.05 -18.24 -17.32
CA CYS B 197 -10.19 -18.14 -16.42
C CYS B 197 -11.32 -18.99 -17.01
N VAL B 198 -12.09 -19.65 -16.16
CA VAL B 198 -13.22 -20.44 -16.66
C VAL B 198 -14.42 -20.40 -15.72
N LEU B 199 -15.32 -19.44 -15.97
CA LEU B 199 -16.52 -19.33 -15.16
C LEU B 199 -17.62 -20.24 -15.68
N THR B 200 -18.08 -21.13 -14.83
CA THR B 200 -19.21 -21.99 -15.16
C THR B 200 -20.49 -21.23 -14.83
N PHE B 201 -21.31 -21.00 -15.86
CA PHE B 201 -22.50 -20.19 -15.71
C PHE B 201 -23.74 -21.00 -15.32
N ALA B 202 -24.81 -20.30 -14.95
CA ALA B 202 -26.05 -20.93 -14.55
C ALA B 202 -27.23 -20.02 -14.85
N HIS B 203 -27.70 -20.07 -16.10
CA HIS B 203 -28.83 -19.25 -16.51
C HIS B 203 -30.01 -20.14 -16.91
N GLU B 204 -31.16 -19.89 -16.29
CA GLU B 204 -32.37 -20.66 -16.60
C GLU B 204 -32.17 -22.16 -16.40
N GLY B 205 -31.09 -22.54 -15.73
CA GLY B 205 -30.78 -23.93 -15.49
C GLY B 205 -29.70 -24.47 -16.42
N GLN B 206 -29.31 -23.64 -17.39
CA GLN B 206 -28.23 -24.01 -18.31
C GLN B 206 -26.87 -23.73 -17.69
N GLN B 207 -25.99 -24.73 -17.72
CA GLN B 207 -24.64 -24.57 -17.22
C GLN B 207 -23.67 -24.44 -18.39
N TYR B 208 -23.01 -23.29 -18.48
CA TYR B 208 -22.10 -23.02 -19.58
C TYR B 208 -20.76 -22.47 -19.13
N ASN B 209 -19.72 -22.90 -19.75
CA ASN B 209 -18.37 -22.41 -19.57
C ASN B 209 -18.22 -21.00 -20.15
N ILE B 210 -17.44 -20.10 -19.47
CA ILE B 210 -17.13 -18.76 -19.95
C ILE B 210 -15.63 -18.55 -19.79
N THR B 211 -14.89 -18.81 -20.86
CA THR B 211 -13.43 -18.79 -20.82
C THR B 211 -12.84 -17.40 -21.03
N ARG B 212 -11.66 -17.18 -20.48
CA ARG B 212 -10.91 -15.94 -20.64
C ARG B 212 -9.42 -16.23 -20.73
N SER B 213 -8.78 -15.82 -21.83
CA SER B 213 -7.34 -16.02 -21.98
C SER B 213 -6.50 -14.90 -21.37
N ILE B 214 -5.78 -15.23 -20.30
CA ILE B 214 -4.83 -14.32 -19.68
C ILE B 214 -3.42 -14.61 -20.17
N GLU B 215 -2.67 -13.56 -20.48
CA GLU B 215 -1.27 -13.75 -20.86
C GLU B 215 -0.36 -12.88 -20.00
N LEU B 216 0.51 -13.54 -19.25
CA LEU B 216 1.30 -12.92 -18.22
C LEU B 216 2.65 -12.45 -18.75
N ARG B 217 2.96 -11.19 -18.47
CA ARG B 217 4.26 -10.62 -18.82
C ARG B 217 5.03 -10.32 -17.55
N ILE B 218 6.28 -10.78 -17.50
CA ILE B 218 7.14 -10.48 -16.37
C ILE B 218 7.92 -9.20 -16.62
N LYS B 219 8.28 -8.49 -15.56
CA LYS B 219 9.10 -7.29 -15.66
C LYS B 219 10.15 -7.30 -14.58
N LYS B 220 11.35 -6.82 -14.89
CA LYS B 220 12.42 -6.72 -13.91
C LYS B 220 12.22 -5.53 -12.97
N LYS B 221 12.38 -5.77 -11.67
CA LYS B 221 12.29 -4.69 -10.70
C LYS B 221 13.31 -3.62 -11.08
N LYS B 222 12.92 -2.36 -10.92
CA LYS B 222 13.74 -1.27 -11.45
C LYS B 222 14.87 -0.81 -10.53
N GLU B 223 16.01 -0.48 -11.13
CA GLU B 223 17.15 0.06 -10.40
C GLU B 223 16.80 1.39 -9.75
N GLU B 224 17.31 1.59 -8.55
CA GLU B 224 17.16 2.86 -7.85
C GLU B 224 18.24 2.92 -6.78
N THR B 225 19.30 3.67 -7.04
CA THR B 225 20.42 3.75 -6.13
C THR B 225 20.43 5.08 -5.37
N ILE B 226 21.02 5.08 -4.19
CA ILE B 226 21.26 6.32 -3.47
C ILE B 226 22.45 7.04 -4.10
N PRO B 227 22.24 8.28 -4.54
CA PRO B 227 23.32 9.02 -5.19
C PRO B 227 24.18 9.74 -4.16
N VAL B 228 25.40 10.10 -4.54
CA VAL B 228 26.21 10.99 -3.73
C VAL B 228 26.36 12.32 -4.45
N ILE B 229 26.55 13.39 -3.70
CA ILE B 229 26.81 14.70 -4.31
C ILE B 229 28.32 14.90 -4.43
N ILE B 230 28.75 15.71 -5.39
CA ILE B 230 30.18 15.82 -5.70
C ILE B 230 30.66 17.25 -6.03
N SER B 231 29.95 18.25 -5.55
CA SER B 231 30.39 19.64 -5.73
C SER B 231 30.29 20.44 -4.41
N PRO B 232 30.87 19.90 -3.34
CA PRO B 232 30.71 20.39 -1.96
C PRO B 232 31.57 21.62 -1.64
N LEU B 233 32.61 21.85 -2.44
CA LEU B 233 33.53 22.95 -2.17
C LEU B 233 32.81 24.26 -1.92
N LYS B 234 33.21 24.98 -0.88
CA LYS B 234 32.77 26.36 -0.74
C LYS B 234 33.36 27.14 -1.91
N THR B 235 32.53 27.94 -2.56
CA THR B 235 32.94 28.64 -3.78
C THR B 235 34.37 29.14 -3.68
N ILE B 236 35.31 28.36 -4.22
CA ILE B 236 36.73 28.65 -4.14
C ILE B 236 37.05 29.95 -4.89
N SER B 237 36.31 30.18 -5.97
CA SER B 237 36.51 31.37 -6.80
C SER B 237 35.42 32.41 -6.54
N ALA B 238 35.62 33.60 -7.13
CA ALA B 238 34.67 34.71 -7.03
C ALA B 238 35.40 36.00 -7.39
N SER B 239 34.64 37.06 -7.63
CA SER B 239 35.22 38.38 -7.90
C SER B 239 34.20 39.44 -8.30
N LEU B 240 32.96 39.01 -8.55
CA LEU B 240 31.88 39.92 -8.92
C LEU B 240 31.85 40.20 -10.43
N GLY B 241 32.36 39.24 -11.21
CA GLY B 241 32.27 39.32 -12.66
C GLY B 241 30.82 39.27 -13.09
N SER B 242 29.94 39.07 -12.12
CA SER B 242 28.49 39.02 -12.35
C SER B 242 28.06 37.71 -13.02
N ARG B 243 29.00 37.02 -13.64
CA ARG B 243 28.73 35.70 -14.19
C ARG B 243 28.95 34.65 -13.09
N LEU B 244 27.90 33.90 -12.76
CA LEU B 244 28.02 32.88 -11.74
C LEU B 244 27.90 31.47 -12.30
N THR B 245 29.00 30.74 -12.31
CA THR B 245 29.01 29.35 -12.72
C THR B 245 28.65 28.46 -11.54
N ILE B 246 27.97 27.36 -11.81
CA ILE B 246 27.53 26.47 -10.74
C ILE B 246 27.16 25.08 -11.26
N PRO B 247 27.68 24.04 -10.60
CA PRO B 247 27.28 22.67 -10.90
C PRO B 247 26.91 21.92 -9.63
N CYS B 248 25.87 21.10 -9.69
CA CYS B 248 25.62 20.15 -8.60
C CYS B 248 25.74 18.72 -9.13
N LYS B 249 26.93 18.15 -9.02
CA LYS B 249 27.21 16.83 -9.59
C LYS B 249 26.80 15.68 -8.67
N VAL B 250 25.88 14.85 -9.15
CA VAL B 250 25.43 13.67 -8.41
C VAL B 250 25.93 12.39 -9.09
N PHE B 251 26.32 11.40 -8.28
CA PHE B 251 26.81 10.14 -8.82
C PHE B 251 25.80 9.01 -8.72
N LEU B 252 25.26 8.60 -9.88
CA LEU B 252 24.41 7.42 -9.94
C LEU B 252 25.30 6.21 -10.21
N GLY B 253 25.33 5.26 -9.28
CA GLY B 253 26.14 4.07 -9.44
C GLY B 253 25.86 3.38 -10.76
N THR B 254 24.58 3.38 -11.13
CA THR B 254 24.14 2.80 -12.39
C THR B 254 23.11 3.74 -13.00
N GLY B 255 23.04 3.77 -14.34
CA GLY B 255 22.15 4.68 -15.03
C GLY B 255 20.70 4.57 -14.60
N THR B 256 20.26 5.51 -13.78
CA THR B 256 18.88 5.51 -13.29
C THR B 256 18.36 6.94 -13.06
N PRO B 257 18.45 7.79 -14.10
CA PRO B 257 17.91 9.16 -14.01
C PRO B 257 16.38 9.16 -14.04
N LEU B 258 15.76 8.20 -13.36
CA LEU B 258 14.30 8.07 -13.41
C LEU B 258 13.59 9.11 -12.55
N THR B 259 13.16 8.72 -11.35
CA THR B 259 12.49 9.63 -10.43
C THR B 259 13.48 10.62 -9.83
N THR B 260 14.74 10.47 -10.20
CA THR B 260 15.80 11.35 -9.72
C THR B 260 15.49 12.81 -10.06
N MET B 261 15.71 13.69 -9.09
CA MET B 261 15.39 15.10 -9.28
C MET B 261 16.45 16.02 -8.68
N LEU B 262 16.95 16.94 -9.49
CA LEU B 262 17.94 17.89 -9.05
C LEU B 262 17.29 19.25 -8.85
N TRP B 263 16.68 19.45 -7.68
CA TRP B 263 16.04 20.72 -7.36
C TRP B 263 17.00 21.62 -6.59
N TRP B 264 17.26 22.81 -7.12
CA TRP B 264 18.14 23.76 -6.46
C TRP B 264 17.33 24.82 -5.71
N THR B 265 17.65 24.99 -4.42
CA THR B 265 17.02 26.00 -3.59
C THR B 265 18.05 26.54 -2.61
N ALA B 266 18.05 27.86 -2.43
CA ALA B 266 18.97 28.45 -1.48
C ALA B 266 18.88 27.72 -0.15
N ASN B 267 17.65 27.37 0.22
CA ASN B 267 17.34 26.68 1.46
C ASN B 267 15.87 26.91 1.72
N ASP B 268 15.47 28.16 1.59
CA ASP B 268 14.10 28.59 1.77
C ASP B 268 13.55 29.18 0.47
N THR B 269 14.41 29.88 -0.26
CA THR B 269 14.02 30.66 -1.43
C THR B 269 13.23 29.87 -2.49
N HIS B 270 13.71 28.68 -2.83
CA HIS B 270 13.13 27.87 -3.90
C HIS B 270 13.75 28.19 -5.26
N ILE B 271 14.57 29.24 -5.30
CA ILE B 271 15.31 29.61 -6.51
C ILE B 271 14.38 30.13 -7.62
N GLU B 272 13.08 30.09 -7.37
CA GLU B 272 12.07 30.46 -8.35
C GLU B 272 10.88 31.13 -7.69
N SER B 273 10.13 31.91 -8.45
CA SER B 273 8.92 32.57 -7.96
C SER B 273 9.05 33.07 -6.53
N ALA B 274 10.22 33.62 -6.20
CA ALA B 274 10.45 34.17 -4.88
C ALA B 274 11.76 34.94 -4.90
N TYR B 275 12.82 34.25 -5.28
CA TYR B 275 14.11 34.91 -5.44
C TYR B 275 14.26 35.60 -6.81
N PRO B 276 13.48 35.17 -7.84
CA PRO B 276 13.53 35.90 -9.13
C PRO B 276 12.22 36.60 -9.53
N GLY B 277 12.36 37.83 -10.00
CA GLY B 277 11.36 38.46 -10.83
C GLY B 277 11.86 38.26 -12.25
N GLY B 278 13.02 37.60 -12.32
CA GLY B 278 13.72 37.33 -13.55
C GLY B 278 15.20 37.37 -13.26
N ARG B 279 15.53 37.75 -12.03
CA ARG B 279 16.92 37.99 -11.65
C ARG B 279 17.79 36.73 -11.64
N VAL B 280 17.22 35.62 -11.21
CA VAL B 280 18.00 34.39 -11.04
C VAL B 280 17.16 33.15 -11.29
N THR B 281 17.71 32.22 -12.07
CA THR B 281 17.02 30.98 -12.41
C THR B 281 18.03 29.91 -12.80
N GLU B 282 17.54 28.71 -13.05
CA GLU B 282 18.40 27.61 -13.50
C GLU B 282 17.79 26.97 -14.74
N GLY B 283 18.58 26.93 -15.81
CA GLY B 283 18.09 26.47 -17.10
C GLY B 283 18.10 24.96 -17.29
N PRO B 284 18.72 24.50 -18.38
CA PRO B 284 18.77 23.09 -18.78
C PRO B 284 19.45 22.20 -17.75
N ARG B 285 19.57 20.92 -18.08
CA ARG B 285 20.22 19.94 -17.21
C ARG B 285 21.11 19.05 -18.07
N GLN B 286 21.95 18.25 -17.43
CA GLN B 286 22.87 17.40 -18.16
C GLN B 286 22.96 15.99 -17.58
N GLU B 287 22.44 15.03 -18.34
CA GLU B 287 22.63 13.63 -18.01
C GLU B 287 23.83 13.11 -18.79
N TYR B 288 25.00 13.25 -18.20
CA TYR B 288 26.27 13.04 -18.90
C TYR B 288 26.48 11.63 -19.42
N SER B 289 26.16 10.64 -18.58
CA SER B 289 26.52 9.25 -18.87
C SER B 289 28.01 9.08 -18.65
N GLU B 290 28.79 9.96 -19.26
CA GLU B 290 30.25 9.98 -19.07
C GLU B 290 30.85 8.59 -19.08
N ASN B 291 31.64 8.30 -18.05
CA ASN B 291 32.26 6.99 -17.90
C ASN B 291 31.24 5.89 -18.22
N ASN B 292 31.68 4.92 -19.03
CA ASN B 292 30.80 3.86 -19.52
C ASN B 292 29.78 3.35 -18.50
N GLU B 293 30.27 2.60 -17.51
CA GLU B 293 29.37 1.97 -16.53
C GLU B 293 28.51 2.99 -15.79
N ASN B 294 29.11 4.11 -15.43
CA ASN B 294 28.43 5.11 -14.61
C ASN B 294 27.47 6.01 -15.38
N TYR B 295 26.65 6.75 -14.64
CA TYR B 295 25.76 7.74 -15.20
C TYR B 295 25.63 8.90 -14.22
N ILE B 296 25.55 10.11 -14.75
CA ILE B 296 25.61 11.30 -13.90
C ILE B 296 24.71 12.41 -14.43
N GLU B 297 24.24 13.27 -13.53
CA GLU B 297 23.36 14.38 -13.90
C GLU B 297 23.84 15.68 -13.26
N VAL B 298 23.53 16.80 -13.91
CA VAL B 298 24.00 18.11 -13.45
C VAL B 298 23.04 19.25 -13.79
N PRO B 299 22.77 20.13 -12.82
CA PRO B 299 21.97 21.34 -12.99
C PRO B 299 22.86 22.56 -13.14
N LEU B 300 22.26 23.73 -13.39
CA LEU B 300 23.02 24.97 -13.49
C LEU B 300 22.19 26.17 -13.07
N ILE B 301 22.28 26.56 -11.81
CA ILE B 301 21.69 27.82 -11.38
C ILE B 301 22.62 28.96 -11.77
N PHE B 302 22.09 29.91 -12.51
CA PHE B 302 22.88 31.01 -13.05
C PHE B 302 22.21 32.33 -12.77
N ASP B 303 22.97 33.25 -12.17
CA ASP B 303 22.55 34.63 -12.03
C ASP B 303 23.06 35.35 -13.28
N PRO B 304 22.29 35.29 -14.37
CA PRO B 304 22.75 35.52 -15.75
C PRO B 304 23.64 36.75 -15.94
N VAL B 305 23.32 37.84 -15.26
CA VAL B 305 24.02 39.09 -15.53
C VAL B 305 24.55 39.74 -14.26
N THR B 306 24.10 39.24 -13.11
CA THR B 306 24.56 39.81 -11.84
C THR B 306 24.28 38.95 -10.61
N ARG B 307 25.12 39.15 -9.61
CA ARG B 307 24.99 38.54 -8.28
C ARG B 307 25.30 39.65 -7.29
N GLU B 308 24.26 40.35 -6.86
CA GLU B 308 24.43 41.64 -6.21
C GLU B 308 24.24 41.63 -4.68
N ASP B 309 23.13 41.05 -4.21
CA ASP B 309 22.85 41.02 -2.78
C ASP B 309 24.09 40.61 -1.98
N LEU B 310 24.92 39.77 -2.60
CA LEU B 310 26.23 39.43 -2.06
C LEU B 310 26.14 38.61 -0.77
N HIS B 311 25.05 37.86 -0.62
CA HIS B 311 24.85 36.99 0.52
C HIS B 311 23.66 36.07 0.30
N MET B 312 23.85 34.79 0.62
CA MET B 312 22.77 33.80 0.52
C MET B 312 23.20 32.43 1.00
N ASP B 313 22.30 31.78 1.73
CA ASP B 313 22.44 30.35 2.01
C ASP B 313 21.99 29.63 0.76
N PHE B 314 22.84 28.78 0.20
CA PHE B 314 22.47 28.04 -1.00
C PHE B 314 22.63 26.54 -0.78
N LYS B 315 21.69 25.78 -1.31
CA LYS B 315 21.53 24.39 -0.94
C LYS B 315 21.12 23.58 -2.17
N CYS B 316 21.93 22.58 -2.53
CA CYS B 316 21.59 21.73 -3.65
C CYS B 316 20.76 20.54 -3.22
N VAL B 317 19.51 20.49 -3.66
CA VAL B 317 18.61 19.40 -3.30
C VAL B 317 18.51 18.33 -4.38
N VAL B 318 18.99 17.14 -4.07
CA VAL B 318 18.79 15.96 -4.89
C VAL B 318 17.76 15.06 -4.21
N HIS B 319 16.76 14.61 -4.95
CA HIS B 319 15.68 13.85 -4.34
C HIS B 319 15.03 12.84 -5.26
N ASN B 320 15.04 11.59 -4.83
CA ASN B 320 14.34 10.51 -5.49
C ASN B 320 13.66 9.65 -4.44
N THR B 321 12.96 8.62 -4.87
CA THR B 321 12.20 7.78 -3.95
C THR B 321 13.02 7.20 -2.80
N LEU B 322 14.33 7.07 -3.00
CA LEU B 322 15.18 6.42 -2.00
C LEU B 322 15.96 7.36 -1.08
N SER B 323 15.94 8.65 -1.37
CA SER B 323 16.66 9.58 -0.51
C SER B 323 16.34 11.06 -0.75
N PHE B 324 16.13 11.78 0.34
CA PHE B 324 16.08 13.23 0.29
C PHE B 324 17.41 13.72 0.84
N GLN B 325 18.22 14.32 -0.04
CA GLN B 325 19.55 14.78 0.36
C GLN B 325 19.70 16.28 0.11
N THR B 326 20.78 16.84 0.63
CA THR B 326 20.96 18.29 0.55
C THR B 326 22.42 18.69 0.70
N LEU B 327 22.71 19.96 0.40
CA LEU B 327 24.07 20.47 0.52
C LEU B 327 24.09 21.99 0.62
N ARG B 328 24.98 22.50 1.48
CA ARG B 328 25.17 23.94 1.64
C ARG B 328 26.64 24.27 1.51
N THR B 329 26.97 25.54 1.30
CA THR B 329 28.36 25.94 1.09
C THR B 329 28.76 27.25 1.76
N THR B 330 30.06 27.45 1.91
CA THR B 330 30.62 28.55 2.69
C THR B 330 30.63 29.90 1.94
N VAL B 331 31.01 30.95 2.65
CA VAL B 331 30.94 32.35 2.22
C VAL B 331 31.40 32.66 0.78
N LYS B 332 32.52 32.06 0.36
CA LYS B 332 33.20 32.34 -0.91
C LYS B 332 34.45 33.19 -0.68
N GLU B 333 35.07 33.64 -1.77
CA GLU B 333 36.15 34.62 -1.72
C GLU B 333 35.72 35.81 -0.88
N CYS C 7 1.50 -15.73 55.44
CA CYS C 7 1.34 -16.25 54.08
C CYS C 7 2.31 -15.59 53.10
N ASP C 8 2.91 -16.41 52.25
CA ASP C 8 3.78 -15.92 51.20
C ASP C 8 2.94 -15.04 50.27
N ASP C 9 3.29 -13.75 50.20
CA ASP C 9 2.42 -12.79 49.55
C ASP C 9 3.17 -11.87 48.59
N TRP C 10 2.71 -11.82 47.33
CA TRP C 10 3.30 -10.95 46.33
C TRP C 10 2.39 -9.75 46.06
N GLY C 11 2.97 -8.56 46.02
CA GLY C 11 2.22 -7.38 45.66
C GLY C 11 1.57 -7.59 44.31
N LEU C 12 0.53 -6.82 44.02
CA LEU C 12 -0.18 -6.94 42.74
C LEU C 12 0.70 -6.61 41.53
N ASP C 13 0.40 -7.24 40.40
CA ASP C 13 1.10 -6.96 39.16
C ASP C 13 0.74 -5.56 38.65
N THR C 14 1.24 -4.54 39.34
CA THR C 14 0.88 -3.16 39.05
C THR C 14 0.98 -2.81 37.58
N MET C 15 2.17 -2.98 37.01
CA MET C 15 2.39 -2.61 35.62
C MET C 15 2.05 -3.76 34.65
N ARG C 16 1.89 -4.95 35.20
CA ARG C 16 1.35 -6.05 34.42
C ARG C 16 -0.16 -6.11 34.63
N GLN C 17 -0.89 -5.20 34.00
CA GLN C 17 -2.33 -5.04 34.24
C GLN C 17 -3.24 -5.71 33.22
N ILE C 18 -4.47 -5.98 33.64
CA ILE C 18 -5.49 -6.59 32.79
C ILE C 18 -6.62 -5.62 32.46
N GLN C 19 -7.14 -5.72 31.23
CA GLN C 19 -8.16 -4.82 30.72
C GLN C 19 -9.19 -5.63 29.97
N VAL C 20 -10.46 -5.39 30.28
CA VAL C 20 -11.53 -6.25 29.80
C VAL C 20 -12.76 -5.47 29.36
N PHE C 21 -13.36 -5.90 28.27
CA PHE C 21 -14.56 -5.26 27.73
C PHE C 21 -15.80 -5.59 28.53
N GLU C 22 -16.62 -4.57 28.78
CA GLU C 22 -17.85 -4.73 29.53
C GLU C 22 -18.86 -5.58 28.78
N ASP C 23 -19.80 -6.15 29.53
CA ASP C 23 -20.98 -6.76 28.94
C ASP C 23 -20.64 -7.93 28.01
N GLU C 24 -19.51 -8.57 28.26
CA GLU C 24 -19.14 -9.76 27.51
C GLU C 24 -18.08 -10.59 28.24
N PRO C 25 -18.16 -11.92 28.11
CA PRO C 25 -17.39 -12.86 28.93
C PRO C 25 -15.91 -12.54 29.06
N ALA C 26 -15.42 -12.61 30.29
CA ALA C 26 -14.00 -12.63 30.54
C ALA C 26 -13.61 -14.05 30.91
N ARG C 27 -12.31 -14.30 31.01
CA ARG C 27 -11.80 -15.59 31.43
C ARG C 27 -10.40 -15.37 31.99
N ILE C 28 -10.32 -15.00 33.25
CA ILE C 28 -9.05 -14.58 33.86
C ILE C 28 -8.27 -15.75 34.48
N LYS C 29 -6.96 -15.77 34.24
CA LYS C 29 -6.10 -16.80 34.82
C LYS C 29 -5.34 -16.31 36.05
N CYS C 30 -5.20 -17.17 37.05
CA CYS C 30 -4.41 -16.84 38.23
C CYS C 30 -2.91 -16.96 37.92
N PRO C 31 -2.15 -15.89 38.22
CA PRO C 31 -0.71 -15.86 37.92
C PRO C 31 0.10 -17.01 38.55
N LEU C 32 0.53 -17.93 37.71
CA LEU C 32 1.48 -18.96 38.11
C LEU C 32 2.85 -18.80 37.45
N PHE C 33 3.17 -17.58 37.00
CA PHE C 33 4.53 -17.30 36.58
C PHE C 33 5.33 -16.87 37.81
N GLU C 34 4.62 -16.48 38.86
CA GLU C 34 5.17 -16.47 40.22
C GLU C 34 4.76 -17.80 40.85
N HIS C 35 5.61 -18.39 41.69
CA HIS C 35 5.32 -19.71 42.25
C HIS C 35 5.11 -20.68 41.10
N PHE C 36 6.04 -20.68 40.15
CA PHE C 36 5.76 -21.20 38.80
C PHE C 36 4.76 -22.38 38.76
N LEU C 37 5.14 -23.53 39.32
CA LEU C 37 4.20 -24.62 39.55
C LEU C 37 3.41 -25.09 38.32
N LYS C 38 4.11 -25.42 37.24
CA LYS C 38 3.47 -26.03 36.07
C LYS C 38 4.48 -26.78 35.20
N PHE C 39 4.35 -28.11 35.21
CA PHE C 39 5.32 -28.97 34.55
C PHE C 39 4.85 -30.42 34.58
N ASN C 40 5.10 -31.15 33.50
CA ASN C 40 4.74 -32.56 33.42
C ASN C 40 3.32 -32.81 33.92
N TYR C 41 2.35 -32.22 33.22
CA TYR C 41 0.92 -32.32 33.54
C TYR C 41 0.35 -31.13 34.33
N SER C 42 0.83 -29.93 34.00
CA SER C 42 0.21 -28.70 34.48
C SER C 42 0.23 -28.51 35.99
N THR C 43 -0.89 -28.01 36.52
CA THR C 43 -1.01 -27.66 37.93
C THR C 43 -1.37 -28.85 38.82
N ALA C 44 -0.72 -28.92 39.99
CA ALA C 44 -0.94 -30.02 40.92
C ALA C 44 -1.88 -29.64 42.07
N HIS C 45 -3.11 -30.10 41.97
CA HIS C 45 -4.09 -29.93 43.04
C HIS C 45 -4.02 -31.15 43.96
N SER C 46 -3.19 -32.12 43.57
CA SER C 46 -3.07 -33.39 44.27
C SER C 46 -2.67 -33.23 45.73
N ALA C 47 -1.77 -32.28 45.98
CA ALA C 47 -1.28 -32.02 47.34
C ALA C 47 -2.39 -31.48 48.23
N GLY C 48 -3.53 -31.17 47.63
CA GLY C 48 -4.68 -30.67 48.37
C GLY C 48 -4.61 -29.19 48.66
N LEU C 49 -3.86 -28.46 47.85
CA LEU C 49 -3.74 -27.01 48.02
C LEU C 49 -4.93 -26.31 47.40
N THR C 50 -5.94 -26.02 48.23
CA THR C 50 -7.15 -25.38 47.75
C THR C 50 -6.86 -24.02 47.15
N LEU C 51 -7.49 -23.72 46.02
CA LEU C 51 -7.31 -22.41 45.39
C LEU C 51 -8.44 -21.48 45.80
N ILE C 52 -8.10 -20.46 46.59
CA ILE C 52 -9.10 -19.51 47.06
C ILE C 52 -9.11 -18.24 46.22
N TRP C 53 -10.30 -17.76 45.88
CA TRP C 53 -10.46 -16.48 45.23
C TRP C 53 -11.19 -15.50 46.16
N TYR C 54 -10.87 -14.22 46.01
CA TYR C 54 -11.62 -13.15 46.68
C TYR C 54 -11.08 -11.80 46.23
N TRP C 55 -11.92 -10.78 46.28
CA TRP C 55 -11.55 -9.48 45.73
C TRP C 55 -11.86 -8.36 46.71
N THR C 56 -11.75 -7.12 46.22
CA THR C 56 -11.85 -5.97 47.11
C THR C 56 -12.48 -4.73 46.45
N ARG C 57 -12.40 -4.65 45.13
CA ARG C 57 -12.92 -3.48 44.42
C ARG C 57 -12.06 -2.26 44.73
N GLN C 58 -12.31 -1.16 44.03
CA GLN C 58 -11.67 0.11 44.33
C GLN C 58 -12.23 0.59 45.68
N ASP C 59 -11.63 0.11 46.76
CA ASP C 59 -12.19 0.30 48.09
C ASP C 59 -11.12 0.14 49.17
N ARG C 60 -11.51 -0.44 50.30
CA ARG C 60 -10.61 -0.57 51.45
C ARG C 60 -10.83 -1.87 52.23
N ASP C 61 -11.52 -2.83 51.64
CA ASP C 61 -11.81 -4.08 52.33
C ASP C 61 -11.85 -5.29 51.40
N LEU C 62 -11.41 -6.43 51.91
CA LEU C 62 -11.51 -7.70 51.18
C LEU C 62 -12.86 -8.33 51.41
N GLU C 63 -13.34 -9.10 50.45
CA GLU C 63 -14.64 -9.75 50.57
C GLU C 63 -14.63 -11.14 49.95
N GLU C 64 -15.31 -12.08 50.59
CA GLU C 64 -15.56 -13.37 49.95
C GLU C 64 -16.24 -13.10 48.62
N PRO C 65 -15.93 -13.90 47.59
CA PRO C 65 -16.56 -13.73 46.29
C PRO C 65 -17.81 -14.60 46.13
N ILE C 66 -18.97 -13.96 46.06
CA ILE C 66 -20.21 -14.67 45.76
C ILE C 66 -20.11 -15.13 44.31
N ASN C 67 -20.55 -16.35 44.02
CA ASN C 67 -20.47 -16.84 42.65
C ASN C 67 -21.55 -17.80 42.21
N PHE C 68 -22.18 -18.49 43.16
CA PHE C 68 -23.16 -19.48 42.79
C PHE C 68 -24.52 -18.86 42.49
N ARG C 69 -25.11 -18.19 43.47
CA ARG C 69 -26.32 -17.43 43.21
C ARG C 69 -25.96 -16.02 42.77
N LEU C 70 -25.41 -15.91 41.56
CA LEU C 70 -25.05 -14.62 41.00
C LEU C 70 -26.13 -13.98 40.10
N PRO C 71 -27.15 -14.74 39.69
CA PRO C 71 -27.47 -16.15 39.93
C PRO C 71 -26.81 -17.09 38.92
N GLU C 72 -26.61 -16.60 37.70
CA GLU C 72 -26.21 -17.44 36.58
C GLU C 72 -24.75 -17.90 36.62
N ASN C 73 -24.27 -18.29 37.80
CA ASN C 73 -22.87 -18.67 37.95
C ASN C 73 -22.01 -17.66 37.24
N ARG C 74 -22.44 -16.40 37.30
CA ARG C 74 -21.87 -15.34 36.49
C ARG C 74 -20.38 -15.13 36.76
N ILE C 75 -19.88 -15.74 37.83
CA ILE C 75 -18.48 -15.58 38.19
C ILE C 75 -17.87 -16.92 38.60
N SER C 76 -18.62 -17.98 38.37
CA SER C 76 -18.16 -19.34 38.67
C SER C 76 -16.77 -19.59 38.09
N LYS C 77 -15.88 -20.16 38.90
CA LYS C 77 -14.57 -20.60 38.41
C LYS C 77 -14.62 -22.11 38.19
N GLU C 78 -14.62 -22.53 36.92
CA GLU C 78 -14.82 -23.94 36.61
C GLU C 78 -13.61 -24.82 36.94
N LYS C 79 -12.42 -24.35 36.59
CA LYS C 79 -11.21 -25.16 36.78
C LYS C 79 -9.97 -24.31 36.99
N ASP C 80 -9.56 -24.21 38.26
CA ASP C 80 -8.33 -23.52 38.62
C ASP C 80 -8.20 -22.17 37.90
N VAL C 81 -9.33 -21.49 37.70
CA VAL C 81 -9.34 -20.18 37.01
C VAL C 81 -10.73 -19.55 36.96
N LEU C 82 -10.76 -18.21 36.97
CA LEU C 82 -12.00 -17.45 37.06
C LEU C 82 -12.71 -17.26 35.71
N TRP C 83 -14.03 -17.08 35.77
CA TRP C 83 -14.89 -17.20 34.60
C TRP C 83 -16.10 -16.28 34.74
N PHE C 84 -16.09 -15.14 34.07
CA PHE C 84 -17.23 -14.22 34.12
C PHE C 84 -18.09 -14.33 32.88
N ARG C 85 -19.34 -14.72 33.03
CA ARG C 85 -20.24 -14.76 31.88
C ARG C 85 -21.58 -14.14 32.18
N PRO C 86 -21.76 -12.86 31.82
CA PRO C 86 -20.75 -11.96 31.26
C PRO C 86 -20.19 -11.05 32.35
N THR C 87 -19.07 -10.39 32.08
CA THR C 87 -18.52 -9.44 33.03
C THR C 87 -19.33 -8.14 33.04
N LEU C 88 -19.24 -7.39 34.14
CA LEU C 88 -19.98 -6.15 34.27
C LEU C 88 -19.13 -5.02 34.88
N LEU C 89 -19.42 -3.80 34.49
CA LEU C 89 -18.60 -2.64 34.87
C LEU C 89 -18.31 -2.61 36.37
N ASN C 90 -19.28 -3.06 37.16
CA ASN C 90 -19.14 -3.08 38.61
C ASN C 90 -18.03 -4.02 39.09
N ASP C 91 -17.45 -4.79 38.17
CA ASP C 91 -16.43 -5.77 38.52
C ASP C 91 -15.04 -5.17 38.69
N THR C 92 -14.87 -3.92 38.26
CA THR C 92 -13.58 -3.25 38.37
C THR C 92 -13.07 -3.29 39.80
N GLY C 93 -11.79 -3.62 39.96
CA GLY C 93 -11.18 -3.67 41.27
C GLY C 93 -10.05 -4.68 41.33
N ASN C 94 -9.41 -4.67 42.44
CA ASN C 94 -8.29 -5.59 42.61
C ASN C 94 -8.76 -6.97 43.03
N TYR C 95 -8.01 -8.00 42.49
CA TYR C 95 -8.44 -9.37 42.74
C TYR C 95 -7.32 -10.19 43.35
N THR C 96 -7.69 -11.24 44.09
CA THR C 96 -6.71 -12.02 44.83
C THR C 96 -6.99 -13.51 44.75
N CYS C 97 -5.92 -14.28 44.56
CA CYS C 97 -6.00 -15.72 44.59
C CYS C 97 -4.85 -16.24 45.45
N MET C 98 -5.10 -17.32 46.18
CA MET C 98 -4.08 -17.89 47.07
C MET C 98 -4.22 -19.41 47.17
N LEU C 99 -3.15 -20.06 47.63
CA LEU C 99 -3.15 -21.52 47.76
C LEU C 99 -2.90 -21.97 49.18
N ARG C 100 -3.69 -22.94 49.64
CA ARG C 100 -3.57 -23.42 51.01
C ARG C 100 -3.18 -24.90 51.12
N ASN C 101 -2.17 -25.14 51.96
CA ASN C 101 -1.78 -26.44 52.45
C ASN C 101 -1.67 -26.13 53.92
N THR C 102 -1.85 -27.10 54.80
CA THR C 102 -1.70 -26.83 56.23
C THR C 102 -0.41 -26.06 56.44
N THR C 103 0.55 -26.31 55.56
CA THR C 103 1.82 -25.62 55.58
C THR C 103 1.80 -24.39 54.65
N TYR C 104 1.19 -24.56 53.48
CA TYR C 104 1.34 -23.62 52.37
C TYR C 104 0.32 -22.48 52.36
N CYS C 105 0.80 -21.28 52.04
CA CYS C 105 -0.06 -20.16 51.71
C CYS C 105 0.68 -19.25 50.74
N SER C 106 -0.08 -18.58 49.88
CA SER C 106 0.51 -17.74 48.86
C SER C 106 -0.60 -16.97 48.15
N LYS C 107 -0.55 -15.65 48.25
CA LYS C 107 -1.57 -14.82 47.65
C LYS C 107 -0.95 -13.75 46.77
N VAL C 108 -1.73 -13.28 45.81
CA VAL C 108 -1.28 -12.27 44.86
C VAL C 108 -2.49 -11.56 44.29
N ALA C 109 -2.29 -10.32 43.85
CA ALA C 109 -3.41 -9.51 43.37
C ALA C 109 -3.13 -8.90 42.00
N PHE C 110 -4.19 -8.64 41.25
CA PHE C 110 -4.07 -8.00 39.95
C PHE C 110 -5.29 -7.15 39.62
N PRO C 111 -5.08 -5.83 39.46
CA PRO C 111 -6.14 -4.85 39.20
C PRO C 111 -6.86 -5.15 37.89
N LEU C 112 -8.16 -5.43 38.00
CA LEU C 112 -8.99 -5.67 36.82
C LEU C 112 -9.83 -4.44 36.47
N GLU C 113 -9.42 -3.73 35.44
CA GLU C 113 -10.14 -2.54 34.98
C GLU C 113 -11.12 -2.95 33.88
N VAL C 114 -12.42 -2.77 34.15
CA VAL C 114 -13.43 -3.05 33.13
C VAL C 114 -13.62 -1.86 32.20
N VAL C 115 -13.55 -2.13 30.90
CA VAL C 115 -13.57 -1.06 29.90
C VAL C 115 -14.86 -1.02 29.09
N GLN C 116 -15.46 0.16 29.03
CA GLN C 116 -16.66 0.34 28.21
C GLN C 116 -16.29 0.36 26.74
N LYS C 117 -17.24 -0.02 25.88
CA LYS C 117 -16.94 -0.18 24.47
C LYS C 117 -17.89 0.60 23.56
N ASP C 118 -17.30 1.31 22.60
CA ASP C 118 -18.06 2.02 21.58
C ASP C 118 -18.46 1.01 20.50
N SER C 119 -19.57 1.27 19.82
CA SER C 119 -20.00 0.38 18.75
C SER C 119 -19.07 0.47 17.55
N CYS C 120 -18.31 1.57 17.48
CA CYS C 120 -17.28 1.74 16.47
C CYS C 120 -15.95 1.17 16.96
N PHE C 121 -16.00 0.47 18.09
CA PHE C 121 -14.84 -0.20 18.69
C PHE C 121 -13.83 0.76 19.32
N ASN C 122 -14.24 2.01 19.52
CA ASN C 122 -13.43 2.94 20.26
C ASN C 122 -13.34 2.51 21.72
N SER C 123 -12.14 2.54 22.27
CA SER C 123 -11.94 2.13 23.67
C SER C 123 -10.55 2.49 24.20
N PRO C 124 -10.45 2.69 25.52
CA PRO C 124 -9.17 2.95 26.19
C PRO C 124 -8.25 1.74 26.12
N MET C 125 -8.79 0.60 25.72
CA MET C 125 -8.03 -0.64 25.68
C MET C 125 -6.77 -0.57 24.82
N LYS C 126 -5.66 -1.01 25.40
CA LYS C 126 -4.40 -1.07 24.67
C LYS C 126 -4.52 -2.13 23.57
N LEU C 127 -4.02 -1.81 22.39
CA LEU C 127 -4.06 -2.74 21.27
C LEU C 127 -2.67 -3.26 20.96
N PRO C 128 -2.57 -4.55 20.66
CA PRO C 128 -1.31 -5.19 20.25
C PRO C 128 -0.93 -4.84 18.82
N VAL C 129 0.31 -4.38 18.62
CA VAL C 129 0.81 -4.13 17.29
C VAL C 129 1.20 -5.44 16.64
N HIS C 130 0.82 -5.61 15.39
CA HIS C 130 1.00 -6.89 14.72
C HIS C 130 1.72 -6.70 13.40
N LYS C 131 3.04 -6.83 13.43
CA LYS C 131 3.85 -6.65 12.24
C LYS C 131 3.43 -7.62 11.14
N LEU C 132 3.47 -7.14 9.90
CA LEU C 132 3.06 -7.91 8.75
C LEU C 132 3.97 -7.54 7.59
N TYR C 133 4.65 -8.53 7.02
CA TYR C 133 5.61 -8.29 5.96
C TYR C 133 4.95 -7.81 4.68
N ILE C 134 5.58 -6.83 4.05
CA ILE C 134 5.05 -6.21 2.85
C ILE C 134 5.02 -7.14 1.64
N GLU C 135 3.96 -7.06 0.85
CA GLU C 135 3.86 -7.76 -0.42
C GLU C 135 4.20 -9.25 -0.40
N TYR C 136 4.15 -9.86 0.78
CA TYR C 136 4.25 -11.32 0.87
C TYR C 136 3.11 -11.97 0.09
N GLY C 137 3.26 -13.24 -0.22
CA GLY C 137 2.25 -13.93 -1.01
C GLY C 137 0.89 -13.89 -0.35
N ILE C 138 0.85 -14.33 0.90
CA ILE C 138 -0.39 -14.31 1.66
C ILE C 138 -0.10 -14.59 3.12
N GLN C 139 -0.71 -13.79 3.98
CA GLN C 139 -0.50 -13.92 5.40
C GLN C 139 -1.88 -13.82 6.00
N ARG C 140 -1.99 -13.97 7.31
CA ARG C 140 -3.27 -13.77 7.95
C ARG C 140 -3.17 -13.61 9.46
N ILE C 141 -4.29 -13.29 10.06
CA ILE C 141 -4.35 -13.03 11.48
C ILE C 141 -5.51 -13.81 12.08
N THR C 142 -5.31 -14.38 13.26
CA THR C 142 -6.39 -15.08 13.95
C THR C 142 -6.95 -14.23 15.08
N CYS C 143 -8.26 -14.32 15.28
CA CYS C 143 -8.93 -13.68 16.39
C CYS C 143 -8.19 -14.03 17.67
N PRO C 144 -7.63 -13.00 18.33
CA PRO C 144 -6.68 -13.07 19.46
C PRO C 144 -6.98 -14.07 20.56
N ASN C 145 -8.09 -13.89 21.28
CA ASN C 145 -8.25 -14.61 22.53
C ASN C 145 -9.54 -15.39 22.67
N VAL C 146 -9.97 -16.02 21.59
CA VAL C 146 -11.19 -16.82 21.58
C VAL C 146 -11.04 -18.12 22.34
N ASP C 147 -9.81 -18.60 22.46
CA ASP C 147 -9.53 -19.91 23.04
C ASP C 147 -10.30 -20.23 24.32
N GLY C 148 -10.93 -21.40 24.34
CA GLY C 148 -11.52 -21.94 25.56
C GLY C 148 -12.81 -21.31 26.03
N TYR C 149 -13.29 -20.29 25.31
CA TYR C 149 -14.51 -19.61 25.71
C TYR C 149 -15.77 -20.43 25.43
N PHE C 150 -15.67 -21.43 24.56
CA PHE C 150 -16.82 -22.23 24.17
C PHE C 150 -16.42 -23.55 23.53
N PRO C 151 -17.31 -24.56 23.63
CA PRO C 151 -17.11 -25.95 23.18
C PRO C 151 -16.89 -26.07 21.68
N SER C 152 -16.25 -27.17 21.27
CA SER C 152 -16.02 -27.47 19.87
C SER C 152 -17.34 -27.77 19.16
N SER C 153 -18.36 -28.10 19.94
CA SER C 153 -19.66 -28.47 19.41
C SER C 153 -20.34 -27.31 18.70
N VAL C 154 -20.25 -26.13 19.29
CA VAL C 154 -20.95 -24.95 18.77
C VAL C 154 -20.18 -24.25 17.65
N LYS C 155 -20.92 -23.80 16.64
CA LYS C 155 -20.32 -23.04 15.54
C LYS C 155 -20.69 -21.56 15.66
N PRO C 156 -19.67 -20.71 15.79
CA PRO C 156 -19.83 -19.27 16.02
C PRO C 156 -19.93 -18.45 14.73
N THR C 157 -20.69 -17.38 14.79
CA THR C 157 -20.65 -16.34 13.77
C THR C 157 -19.52 -15.40 14.16
N ILE C 158 -18.81 -14.86 13.19
CA ILE C 158 -17.71 -13.95 13.48
C ILE C 158 -17.40 -13.00 12.34
N THR C 159 -17.61 -11.71 12.57
CA THR C 159 -17.36 -10.70 11.55
C THR C 159 -16.12 -9.85 11.86
N TRP C 160 -15.54 -9.24 10.84
CA TRP C 160 -14.37 -8.38 11.03
C TRP C 160 -14.67 -6.94 10.64
N TYR C 161 -13.82 -6.03 11.09
CA TYR C 161 -14.00 -4.61 10.79
C TYR C 161 -12.63 -3.95 10.70
N MET C 162 -12.43 -3.08 9.71
CA MET C 162 -11.25 -2.24 9.73
C MET C 162 -11.50 -1.10 10.71
N GLY C 163 -11.94 0.05 10.21
CA GLY C 163 -12.36 1.11 11.09
C GLY C 163 -13.68 0.71 11.73
N CYS C 164 -14.67 1.59 11.67
CA CYS C 164 -16.06 1.18 11.88
C CYS C 164 -16.50 0.50 10.60
N TYR C 165 -15.62 0.51 9.60
CA TYR C 165 -15.89 -0.10 8.32
C TYR C 165 -15.84 -1.61 8.39
N LYS C 166 -16.99 -2.25 8.29
CA LYS C 166 -17.07 -3.70 8.25
C LYS C 166 -16.31 -4.22 7.05
N ILE C 167 -15.67 -5.37 7.21
CA ILE C 167 -14.92 -5.98 6.13
C ILE C 167 -15.79 -6.84 5.21
N GLN C 168 -16.03 -6.33 4.01
CA GLN C 168 -16.71 -7.09 2.97
C GLN C 168 -16.35 -6.52 1.61
N ASN C 169 -16.00 -7.40 0.68
CA ASN C 169 -15.60 -6.99 -0.67
C ASN C 169 -14.33 -6.16 -0.68
N PHE C 170 -13.52 -6.29 0.36
CA PHE C 170 -12.25 -5.59 0.40
C PHE C 170 -11.37 -6.07 -0.75
N ASN C 171 -10.47 -5.20 -1.20
CA ASN C 171 -9.70 -5.48 -2.40
C ASN C 171 -8.59 -6.51 -2.21
N ASN C 172 -8.07 -6.61 -1.00
CA ASN C 172 -6.98 -7.55 -0.74
C ASN C 172 -7.02 -8.20 0.63
N VAL C 173 -8.11 -7.94 1.35
CA VAL C 173 -8.34 -8.57 2.65
C VAL C 173 -9.56 -9.46 2.58
N ILE C 174 -9.51 -10.61 3.26
CA ILE C 174 -10.60 -11.57 3.19
C ILE C 174 -10.85 -12.27 4.51
N PRO C 175 -12.07 -12.16 5.04
CA PRO C 175 -12.42 -12.89 6.25
C PRO C 175 -12.54 -14.36 5.92
N GLU C 176 -11.93 -15.21 6.74
CA GLU C 176 -11.99 -16.65 6.56
C GLU C 176 -12.20 -17.28 7.92
N GLY C 177 -13.44 -17.27 8.38
CA GLY C 177 -13.75 -17.75 9.72
C GLY C 177 -13.04 -16.93 10.76
N MET C 178 -12.19 -17.58 11.56
CA MET C 178 -11.47 -16.92 12.63
C MET C 178 -10.31 -16.06 12.12
N ASN C 179 -9.87 -16.32 10.89
CA ASN C 179 -8.69 -15.65 10.35
C ASN C 179 -9.00 -14.53 9.37
N LEU C 180 -8.13 -13.53 9.35
CA LEU C 180 -8.20 -12.48 8.35
C LEU C 180 -6.98 -12.56 7.46
N SER C 181 -7.20 -12.76 6.16
CA SER C 181 -6.10 -12.97 5.22
C SER C 181 -5.82 -11.72 4.42
N PHE C 182 -4.55 -11.35 4.34
CA PHE C 182 -4.13 -10.21 3.53
C PHE C 182 -3.41 -10.75 2.31
N LEU C 183 -3.95 -10.48 1.12
CA LEU C 183 -3.43 -11.11 -0.09
C LEU C 183 -2.08 -10.58 -0.58
N ILE C 184 -1.93 -9.26 -0.65
CA ILE C 184 -0.60 -8.70 -0.89
C ILE C 184 -0.45 -7.49 0.01
N ALA C 185 0.02 -7.73 1.23
CA ALA C 185 0.04 -6.71 2.26
C ALA C 185 0.72 -5.44 1.77
N LEU C 186 -0.09 -4.42 1.53
CA LEU C 186 0.43 -3.12 1.14
C LEU C 186 0.29 -2.13 2.27
N ILE C 187 1.07 -1.04 2.19
CA ILE C 187 0.99 0.04 3.16
C ILE C 187 -0.45 0.50 3.42
N SER C 188 -1.27 0.38 2.38
CA SER C 188 -2.68 0.74 2.46
C SER C 188 -3.37 -0.01 3.57
N ASN C 189 -2.72 -1.09 4.02
CA ASN C 189 -3.35 -2.01 4.95
C ASN C 189 -3.17 -1.69 6.43
N ASN C 190 -2.37 -0.68 6.74
CA ASN C 190 -2.22 -0.27 8.12
C ASN C 190 -3.56 0.11 8.73
N GLY C 191 -3.66 -0.01 10.05
CA GLY C 191 -4.86 0.42 10.76
C GLY C 191 -5.27 -0.57 11.83
N ASN C 192 -6.08 -0.11 12.78
CA ASN C 192 -6.64 -1.01 13.77
C ASN C 192 -7.69 -1.89 13.11
N TYR C 193 -7.59 -3.20 13.32
CA TYR C 193 -8.60 -4.15 12.87
C TYR C 193 -9.31 -4.70 14.08
N THR C 194 -10.48 -5.28 13.90
CA THR C 194 -11.20 -5.86 15.03
C THR C 194 -12.21 -6.93 14.65
N CYS C 195 -12.02 -8.13 15.22
CA CYS C 195 -12.92 -9.26 15.04
C CYS C 195 -13.96 -9.26 16.15
N VAL C 196 -15.16 -9.74 15.83
CA VAL C 196 -16.25 -9.80 16.80
C VAL C 196 -16.99 -11.12 16.69
N VAL C 197 -16.63 -12.05 17.58
CA VAL C 197 -17.18 -13.40 17.54
C VAL C 197 -18.35 -13.59 18.50
N THR C 198 -19.47 -14.07 17.95
CA THR C 198 -20.67 -14.34 18.73
C THR C 198 -20.89 -15.84 18.89
N TYR C 199 -21.55 -16.23 19.97
CA TYR C 199 -21.82 -17.63 20.24
C TYR C 199 -22.96 -17.84 21.25
N PRO C 200 -23.73 -18.92 21.08
CA PRO C 200 -24.85 -19.24 21.97
C PRO C 200 -24.38 -20.12 23.13
N GLU C 201 -24.98 -19.90 24.30
CA GLU C 201 -24.66 -20.71 25.47
C GLU C 201 -25.82 -20.72 26.45
N ASN C 202 -26.40 -21.89 26.66
CA ASN C 202 -27.54 -22.05 27.56
C ASN C 202 -28.70 -21.15 27.17
N GLY C 203 -28.89 -20.97 25.87
CA GLY C 203 -29.98 -20.16 25.35
C GLY C 203 -29.71 -18.68 25.35
N ARG C 204 -28.45 -18.30 25.10
CA ARG C 204 -28.06 -16.89 25.10
C ARG C 204 -26.85 -16.64 24.20
N THR C 205 -26.80 -15.45 23.61
CA THR C 205 -25.68 -15.06 22.76
C THR C 205 -24.69 -14.15 23.47
N PHE C 206 -23.47 -14.65 23.67
CA PHE C 206 -22.40 -13.84 24.25
C PHE C 206 -21.53 -13.24 23.14
N HIS C 207 -20.99 -12.06 23.39
CA HIS C 207 -20.10 -11.40 22.44
C HIS C 207 -18.65 -11.48 22.88
N LEU C 208 -17.76 -11.54 21.90
CA LEU C 208 -16.33 -11.44 22.14
C LEU C 208 -15.75 -10.53 21.09
N THR C 209 -15.47 -9.30 21.48
CA THR C 209 -14.85 -8.36 20.56
C THR C 209 -13.43 -8.09 20.98
N ARG C 210 -12.49 -8.32 20.06
CA ARG C 210 -11.09 -8.02 20.31
C ARG C 210 -10.42 -7.42 19.09
N THR C 211 -9.54 -6.45 19.34
CA THR C 211 -8.98 -5.63 18.29
C THR C 211 -7.49 -5.46 18.43
N LEU C 212 -6.80 -5.57 17.30
CA LEU C 212 -5.35 -5.41 17.24
C LEU C 212 -5.04 -4.57 16.03
N THR C 213 -3.89 -3.88 16.07
CA THR C 213 -3.52 -3.00 14.97
C THR C 213 -2.45 -3.63 14.09
N VAL C 214 -2.79 -3.81 12.81
CA VAL C 214 -1.87 -4.38 11.84
C VAL C 214 -0.93 -3.32 11.34
N LYS C 215 0.31 -3.71 11.11
CA LYS C 215 1.34 -2.77 10.68
C LYS C 215 2.18 -3.45 9.62
N VAL C 216 2.20 -2.88 8.43
CA VAL C 216 2.99 -3.45 7.34
C VAL C 216 4.44 -3.02 7.43
N VAL C 217 5.33 -3.99 7.29
CA VAL C 217 6.76 -3.75 7.41
C VAL C 217 7.53 -4.46 6.31
N GLY C 218 8.85 -4.30 6.31
CA GLY C 218 9.68 -4.85 5.27
C GLY C 218 9.76 -6.35 5.30
N SER C 219 9.76 -6.95 4.10
CA SER C 219 9.87 -8.39 3.97
C SER C 219 11.22 -8.86 4.50
N PRO C 220 11.28 -10.11 4.96
CA PRO C 220 12.55 -10.77 5.24
C PRO C 220 13.18 -11.14 3.91
N LYS C 221 12.35 -11.07 2.86
CA LYS C 221 12.78 -11.29 1.49
C LYS C 221 13.93 -10.35 1.12
N ASN C 222 14.02 -9.22 1.82
CA ASN C 222 15.03 -8.21 1.52
C ASN C 222 15.90 -7.88 2.74
N ALA C 223 15.85 -8.74 3.75
CA ALA C 223 16.70 -8.56 4.92
C ALA C 223 18.17 -8.75 4.53
N VAL C 224 18.93 -7.66 4.53
CA VAL C 224 20.29 -7.69 4.02
C VAL C 224 21.20 -6.90 4.93
N PRO C 225 22.49 -7.31 5.01
CA PRO C 225 23.49 -6.59 5.80
C PRO C 225 23.41 -5.09 5.56
N PRO C 226 23.71 -4.29 6.59
CA PRO C 226 23.67 -2.83 6.51
C PRO C 226 24.46 -2.32 5.31
N VAL C 227 23.98 -1.26 4.67
CA VAL C 227 24.73 -0.65 3.59
C VAL C 227 25.31 0.70 4.04
N ILE C 228 26.63 0.81 3.94
CA ILE C 228 27.30 2.05 4.34
C ILE C 228 27.23 3.04 3.18
N HIS C 229 26.74 4.24 3.46
CA HIS C 229 26.61 5.25 2.42
C HIS C 229 27.71 6.32 2.43
N SER C 230 28.01 6.86 3.61
CA SER C 230 28.82 8.07 3.70
C SER C 230 30.31 7.91 3.35
N PRO C 231 30.96 6.86 3.86
CA PRO C 231 32.37 6.60 3.54
C PRO C 231 32.55 6.08 2.11
N ASN C 232 31.83 6.68 1.17
CA ASN C 232 31.80 6.22 -0.21
C ASN C 232 33.12 6.39 -0.97
N ASP C 233 33.91 7.37 -0.57
CA ASP C 233 35.20 7.63 -1.20
C ASP C 233 35.09 8.47 -2.48
N HIS C 234 33.90 8.49 -3.07
CA HIS C 234 33.66 9.42 -4.18
C HIS C 234 33.67 10.84 -3.64
N VAL C 235 33.11 11.00 -2.45
CA VAL C 235 33.30 12.22 -1.68
C VAL C 235 34.51 12.02 -0.78
N VAL C 236 35.61 12.67 -1.13
CA VAL C 236 36.86 12.52 -0.40
C VAL C 236 37.00 13.54 0.72
N TYR C 237 37.28 13.05 1.92
CA TYR C 237 37.44 13.93 3.07
C TYR C 237 38.89 14.32 3.29
N GLU C 238 39.30 15.43 2.67
CA GLU C 238 40.60 16.01 2.95
C GLU C 238 40.41 17.32 3.71
N LYS C 239 41.26 17.56 4.70
CA LYS C 239 41.17 18.79 5.49
C LYS C 239 42.54 19.27 5.92
N GLU C 240 42.95 20.41 5.37
CA GLU C 240 44.21 21.03 5.75
C GLU C 240 44.16 21.44 7.22
N PRO C 241 45.34 21.65 7.83
CA PRO C 241 45.47 21.86 9.28
C PRO C 241 44.41 22.79 9.89
N GLY C 242 43.69 22.28 10.88
CA GLY C 242 42.77 23.09 11.67
C GLY C 242 41.58 23.67 10.94
N GLU C 243 40.74 22.81 10.36
CA GLU C 243 39.55 23.27 9.64
C GLU C 243 38.21 22.90 10.29
N GLU C 244 38.23 22.48 11.55
CA GLU C 244 36.99 22.11 12.24
C GLU C 244 36.22 21.04 11.47
N LEU C 245 36.95 20.11 10.87
CA LEU C 245 36.34 19.08 10.02
C LEU C 245 35.18 18.32 10.65
N LEU C 246 34.18 18.00 9.84
CA LEU C 246 33.08 17.14 10.25
C LEU C 246 33.08 15.85 9.43
N ILE C 247 32.52 14.78 9.98
CA ILE C 247 32.47 13.50 9.28
C ILE C 247 31.19 12.74 9.60
N PRO C 248 30.25 12.73 8.65
CA PRO C 248 28.96 12.04 8.80
C PRO C 248 29.08 10.60 8.33
N CYS C 249 28.43 9.69 9.02
CA CYS C 249 28.33 8.31 8.55
C CYS C 249 26.89 7.88 8.54
N THR C 250 26.26 8.02 7.38
CA THR C 250 24.88 7.59 7.20
C THR C 250 24.84 6.13 6.79
N VAL C 251 23.98 5.36 7.43
CA VAL C 251 23.92 3.93 7.19
C VAL C 251 22.49 3.42 7.10
N TYR C 252 22.21 2.64 6.06
CA TYR C 252 20.87 2.09 5.86
C TYR C 252 20.74 0.68 6.42
N PHE C 253 19.70 0.46 7.20
CA PHE C 253 19.42 -0.85 7.77
C PHE C 253 18.13 -1.45 7.19
N SER C 254 18.24 -2.68 6.68
CA SER C 254 17.06 -3.44 6.29
C SER C 254 16.31 -3.86 7.54
N PHE C 255 15.01 -4.14 7.43
CA PHE C 255 14.22 -4.46 8.61
C PHE C 255 14.15 -5.93 9.00
N LEU C 256 14.41 -6.20 10.28
CA LEU C 256 14.23 -7.51 10.88
C LEU C 256 13.74 -7.27 12.30
N MET C 257 13.08 -8.26 12.89
CA MET C 257 12.45 -8.05 14.20
C MET C 257 13.42 -8.02 15.38
N ASP C 258 14.18 -9.10 15.57
CA ASP C 258 15.19 -9.13 16.61
C ASP C 258 16.45 -8.42 16.16
N SER C 259 16.29 -7.32 15.42
CA SER C 259 17.43 -6.62 14.86
C SER C 259 17.95 -5.48 15.76
N ARG C 260 19.15 -5.66 16.30
CA ARG C 260 19.81 -4.60 17.06
C ARG C 260 20.79 -3.86 16.17
N ASN C 261 20.33 -2.76 15.57
CA ASN C 261 21.17 -1.97 14.67
C ASN C 261 22.20 -1.17 15.46
N GLU C 262 23.48 -1.30 15.07
CA GLU C 262 24.55 -0.67 15.81
C GLU C 262 25.50 0.06 14.88
N VAL C 263 25.82 1.29 15.25
CA VAL C 263 26.76 2.11 14.50
C VAL C 263 27.75 2.71 15.49
N TRP C 264 29.02 2.74 15.11
CA TRP C 264 30.04 3.27 16.00
C TRP C 264 31.30 3.57 15.21
N TRP C 265 31.95 4.67 15.56
CA TRP C 265 33.20 5.04 14.91
C TRP C 265 34.39 4.30 15.52
N THR C 266 35.41 4.07 14.70
CA THR C 266 36.57 3.32 15.14
C THR C 266 37.83 4.13 14.93
N ILE C 267 38.35 4.70 16.02
CA ILE C 267 39.58 5.46 15.95
C ILE C 267 40.71 4.52 15.55
N ASP C 268 40.59 3.28 16.00
CA ASP C 268 41.49 2.19 15.64
C ASP C 268 41.22 1.00 16.54
N GLY C 269 40.04 0.99 17.15
CA GLY C 269 39.61 -0.12 17.97
C GLY C 269 39.37 0.17 19.44
N LYS C 270 39.28 1.44 19.81
CA LYS C 270 38.99 1.78 21.21
C LYS C 270 38.19 3.08 21.37
N LYS C 271 36.86 2.94 21.38
CA LYS C 271 35.96 4.02 21.79
C LYS C 271 36.70 5.35 21.93
N PRO C 272 36.81 6.09 20.82
CA PRO C 272 37.73 7.22 20.58
C PRO C 272 38.46 7.76 21.82
N ASP C 273 38.57 9.09 21.90
CA ASP C 273 39.21 9.74 23.03
C ASP C 273 40.53 9.12 23.50
N ASP C 274 41.41 8.76 22.56
CA ASP C 274 42.77 8.39 22.93
C ASP C 274 43.59 9.67 23.04
N ILE C 275 44.56 9.71 23.95
CA ILE C 275 45.24 10.96 24.27
C ILE C 275 44.24 12.11 24.37
N THR C 276 44.65 13.32 24.01
CA THR C 276 43.74 14.46 24.03
C THR C 276 42.58 14.20 23.06
N ILE C 277 42.82 14.47 21.78
CA ILE C 277 41.93 14.07 20.69
C ILE C 277 40.45 14.44 20.91
N ASP C 278 40.20 15.53 21.61
CA ASP C 278 38.84 15.95 21.93
C ASP C 278 37.89 15.73 20.75
N VAL C 279 36.74 15.11 21.04
CA VAL C 279 35.77 14.77 20.00
C VAL C 279 34.45 14.32 20.62
N THR C 280 33.36 14.51 19.88
CA THR C 280 32.03 14.15 20.37
C THR C 280 31.10 13.78 19.21
N ILE C 281 30.15 12.89 19.47
CA ILE C 281 29.24 12.40 18.44
C ILE C 281 27.85 13.03 18.48
N ASN C 282 27.35 13.41 17.31
CA ASN C 282 25.95 13.73 17.13
C ASN C 282 25.28 12.51 16.49
N GLU C 283 24.09 12.15 16.95
CA GLU C 283 23.47 10.92 16.49
C GLU C 283 22.02 11.10 16.05
N SER C 284 21.82 11.16 14.74
CA SER C 284 20.50 11.29 14.16
C SER C 284 19.94 9.94 13.74
N ILE C 285 18.67 9.92 13.34
CA ILE C 285 18.01 8.68 12.94
C ILE C 285 16.73 8.93 12.14
N SER C 286 16.38 7.99 11.28
CA SER C 286 15.19 8.09 10.44
C SER C 286 14.63 6.71 10.13
N HIS C 287 13.31 6.62 9.97
CA HIS C 287 12.66 5.35 9.67
C HIS C 287 11.72 5.47 8.48
N SER C 288 11.84 4.54 7.54
CA SER C 288 10.94 4.48 6.40
C SER C 288 9.52 4.18 6.85
N ARG C 289 8.58 4.32 5.96
CA ARG C 289 7.24 4.05 6.32
C ARG C 289 7.23 2.62 6.75
N THR C 290 8.15 1.86 6.17
CA THR C 290 8.21 0.41 6.31
C THR C 290 8.91 -0.03 7.61
N GLU C 291 9.49 0.94 8.32
CA GLU C 291 10.26 0.66 9.53
C GLU C 291 11.70 0.24 9.19
N ASP C 292 12.22 0.79 8.10
CA ASP C 292 13.62 0.62 7.73
C ASP C 292 14.45 1.75 8.32
N GLU C 293 15.18 1.45 9.40
CA GLU C 293 16.00 2.45 10.07
C GLU C 293 17.12 2.94 9.18
N THR C 294 17.54 4.19 9.38
CA THR C 294 18.72 4.72 8.73
C THR C 294 19.46 5.63 9.71
N ARG C 295 20.46 5.06 10.38
CA ARG C 295 21.16 5.78 11.42
C ARG C 295 22.28 6.64 10.85
N THR C 296 22.71 7.64 11.61
CA THR C 296 23.74 8.55 11.17
C THR C 296 24.55 9.05 12.36
N GLN C 297 25.85 9.26 12.13
CA GLN C 297 26.73 9.75 13.16
C GLN C 297 27.72 10.76 12.58
N ILE C 298 28.22 11.65 13.45
CA ILE C 298 29.05 12.76 13.00
C ILE C 298 30.11 13.12 14.04
N LEU C 299 31.08 13.93 13.64
CA LEU C 299 32.21 14.27 14.50
C LEU C 299 32.58 15.74 14.46
N SER C 300 32.26 16.47 15.52
CA SER C 300 32.73 17.83 15.67
C SER C 300 34.21 17.77 16.03
N ILE C 301 34.99 18.72 15.52
CA ILE C 301 36.44 18.63 15.62
C ILE C 301 37.12 19.98 15.89
N LYS C 302 38.19 19.94 16.68
CA LYS C 302 39.02 21.10 16.95
C LYS C 302 40.05 21.27 15.83
N LYS C 303 41.19 21.86 16.15
CA LYS C 303 42.28 21.94 15.19
C LYS C 303 42.76 20.53 14.87
N VAL C 304 43.15 20.31 13.61
CA VAL C 304 43.61 18.99 13.20
C VAL C 304 45.10 18.81 13.45
N THR C 305 45.44 17.96 14.42
CA THR C 305 46.84 17.68 14.74
C THR C 305 47.50 16.94 13.58
N SER C 306 48.81 17.13 13.43
CA SER C 306 49.54 16.63 12.28
C SER C 306 49.35 15.13 12.04
N GLU C 307 49.19 14.35 13.10
CA GLU C 307 49.12 12.90 13.00
C GLU C 307 47.80 12.37 12.44
N ASP C 308 46.74 13.16 12.58
CA ASP C 308 45.39 12.72 12.25
C ASP C 308 45.23 12.24 10.81
N LEU C 309 45.69 13.04 9.86
CA LEU C 309 45.48 12.78 8.44
C LEU C 309 45.93 11.39 8.01
N LYS C 310 47.20 11.05 8.30
CA LYS C 310 47.76 9.79 7.86
C LYS C 310 47.36 8.62 8.76
N ARG C 311 46.63 8.92 9.82
CA ARG C 311 46.00 7.90 10.66
C ARG C 311 44.61 7.59 10.13
N SER C 312 44.30 6.30 9.99
CA SER C 312 43.02 5.89 9.44
C SER C 312 41.99 5.56 10.52
N TYR C 313 40.74 5.98 10.30
CA TYR C 313 39.62 5.53 11.12
C TYR C 313 38.37 5.29 10.29
N VAL C 314 37.48 4.44 10.81
CA VAL C 314 36.45 3.83 9.99
C VAL C 314 35.10 3.73 10.67
N CYS C 315 34.04 3.90 9.88
CA CYS C 315 32.68 3.74 10.37
C CYS C 315 32.25 2.28 10.35
N HIS C 316 31.38 1.91 11.29
CA HIS C 316 30.97 0.53 11.45
C HIS C 316 29.48 0.38 11.70
N ALA C 317 28.98 -0.84 11.50
CA ALA C 317 27.58 -1.16 11.76
C ALA C 317 27.37 -2.66 11.61
N ARG C 318 26.41 -3.20 12.37
CA ARG C 318 26.10 -4.62 12.29
C ARG C 318 24.70 -4.93 12.82
N SER C 319 24.02 -5.86 12.16
CA SER C 319 22.67 -6.27 12.56
C SER C 319 22.34 -7.61 11.95
N ALA C 320 22.58 -8.69 12.71
CA ALA C 320 22.44 -10.04 12.19
C ALA C 320 23.36 -10.25 10.99
N LYS C 321 24.12 -9.20 10.66
CA LYS C 321 25.15 -9.21 9.64
C LYS C 321 26.09 -8.04 9.95
N GLY C 322 27.32 -8.07 9.44
CA GLY C 322 28.32 -7.06 9.78
C GLY C 322 28.88 -6.30 8.60
N GLU C 323 29.29 -5.05 8.85
CA GLU C 323 29.70 -4.16 7.77
C GLU C 323 30.74 -3.13 8.18
N VAL C 324 31.41 -2.54 7.19
CA VAL C 324 32.56 -1.65 7.44
C VAL C 324 32.89 -0.81 6.20
N ALA C 325 33.39 0.40 6.42
CA ALA C 325 33.74 1.29 5.32
C ALA C 325 34.87 2.25 5.71
N LYS C 326 35.81 2.46 4.79
CA LYS C 326 37.05 3.19 5.06
C LYS C 326 36.99 4.68 4.68
N ALA C 327 37.28 5.55 5.64
CA ALA C 327 37.27 7.00 5.41
C ALA C 327 38.52 7.45 4.64
N ALA C 328 38.52 8.71 4.20
CA ALA C 328 39.64 9.24 3.41
C ALA C 328 39.96 10.70 3.72
N LYS C 329 41.25 11.00 3.85
CA LYS C 329 41.72 12.35 4.11
C LYS C 329 42.93 12.67 3.23
#